data_8QB3
#
_entry.id   8QB3
#
_cell.length_a   101.478
_cell.length_b   103.072
_cell.length_c   167.224
_cell.angle_alpha   90.00
_cell.angle_beta   90.00
_cell.angle_gamma   90.00
#
_symmetry.space_group_name_H-M   'P 21 21 21'
#
loop_
_entity.id
_entity.type
_entity.pdbx_description
1 polymer ADDobody
2 non-polymer 'ZINC ION'
#
_entity_poly.entity_id   1
_entity_poly.type   'polypeptide(L)'
_entity_poly.pdbx_seq_one_letter_code
;GAMGSGIQPNVNEYMFSNKFKARVMVSRKAPEGVTVNDTYDHKEDILKYEWFEFILPEGNFSATMTIDLMNNAIIDNYLE
IGRQNGVLESDIGVKFDTRNFRLGWDPETKLIMPGVYTYEAFHPDIVLLPGCGVDFTESRLSNLLGIRKRHPFQEGFKIM
YEDLEGGNIPALLDVTAYEESKKDTTTETTTKKELKIQPLEKDSKSRSYNVLEDKINTAYRSWYLSYNYGNPEKGIRSWT
LLTTSDVTCGANGDSGNPVFSKSFYNEQAVYSQQLRQATSLTHVFNRFPENQILIRPPAPTITTVSENVP
;
_entity_poly.pdbx_strand_id   A,B,C,D,E
#
# COMPACT_ATOMS: atom_id res chain seq x y z
N PHE A 16 34.85 -0.22 12.35
CA PHE A 16 33.96 -0.16 11.21
C PHE A 16 33.17 -1.46 11.04
N SER A 17 31.86 -1.38 11.21
CA SER A 17 31.02 -2.56 11.21
C SER A 17 30.87 -3.18 9.84
N ASN A 18 30.20 -2.49 8.91
CA ASN A 18 29.91 -3.05 7.60
C ASN A 18 31.10 -2.87 6.68
N LYS A 19 31.68 -3.98 6.23
CA LYS A 19 32.82 -3.95 5.33
C LYS A 19 33.01 -5.33 4.74
N PHE A 20 33.37 -5.38 3.46
CA PHE A 20 33.63 -6.65 2.77
C PHE A 20 34.86 -6.49 1.89
N LYS A 21 35.42 -7.63 1.48
CA LYS A 21 36.58 -7.68 0.60
C LYS A 21 36.19 -8.33 -0.72
N ALA A 22 36.82 -7.89 -1.80
CA ALA A 22 36.50 -8.42 -3.12
C ALA A 22 37.68 -8.23 -4.06
N ARG A 23 37.81 -9.15 -5.01
CA ARG A 23 38.85 -9.10 -6.03
C ARG A 23 38.22 -8.57 -7.32
N VAL A 24 38.77 -7.47 -7.84
CA VAL A 24 38.22 -6.79 -8.99
C VAL A 24 39.33 -6.57 -10.01
N MET A 25 38.91 -6.27 -11.25
CA MET A 25 39.87 -5.97 -12.30
C MET A 25 40.42 -4.55 -12.13
N VAL A 26 41.73 -4.42 -12.31
CA VAL A 26 42.41 -3.14 -12.10
C VAL A 26 42.97 -2.57 -13.40
N SER A 27 43.28 -3.41 -14.38
CA SER A 27 43.87 -2.92 -15.61
C SER A 27 43.46 -3.82 -16.76
N ARG A 28 43.23 -3.21 -17.92
CA ARG A 28 42.98 -3.92 -19.17
C ARG A 28 43.83 -3.25 -20.24
N LYS A 29 44.91 -3.91 -20.66
CA LYS A 29 45.85 -3.33 -21.61
C LYS A 29 46.39 -4.40 -22.53
N ALA A 30 47.01 -3.96 -23.63
CA ALA A 30 47.62 -4.86 -24.58
C ALA A 30 48.86 -5.52 -23.99
N PRO A 31 49.28 -6.66 -24.55
CA PRO A 31 50.37 -7.43 -23.93
C PRO A 31 51.60 -6.63 -23.54
N GLU A 32 52.21 -5.94 -24.49
CA GLU A 32 53.40 -5.15 -24.18
C GLU A 32 53.71 -4.15 -25.29
N ASN A 37 47.29 -0.85 -34.79
CA ASN A 37 46.82 -1.71 -35.86
C ASN A 37 45.46 -2.33 -35.50
N ASP A 38 44.49 -2.19 -36.41
CA ASP A 38 43.17 -2.78 -36.20
C ASP A 38 43.11 -4.25 -36.57
N THR A 39 44.26 -4.93 -36.66
CA THR A 39 44.32 -6.37 -36.84
C THR A 39 44.51 -7.11 -35.53
N TYR A 40 44.86 -6.40 -34.46
CA TYR A 40 45.08 -7.03 -33.15
C TYR A 40 43.75 -7.52 -32.57
N ASP A 41 43.74 -8.77 -32.12
CA ASP A 41 42.57 -9.34 -31.47
C ASP A 41 42.65 -9.07 -29.97
N HIS A 42 41.59 -8.48 -29.41
CA HIS A 42 41.55 -8.11 -28.01
C HIS A 42 41.13 -9.27 -27.11
N LYS A 43 41.11 -10.49 -27.64
CA LYS A 43 41.08 -11.67 -26.78
C LYS A 43 42.43 -11.92 -26.12
N GLU A 44 43.49 -11.28 -26.59
CA GLU A 44 44.82 -11.40 -26.02
C GLU A 44 45.15 -10.26 -25.07
N ASP A 45 44.17 -9.42 -24.73
CA ASP A 45 44.41 -8.35 -23.77
C ASP A 45 44.81 -8.92 -22.42
N ILE A 46 45.83 -8.32 -21.81
CA ILE A 46 46.29 -8.73 -20.49
C ILE A 46 45.37 -8.09 -19.44
N LEU A 47 44.81 -8.93 -18.57
CA LEU A 47 43.85 -8.48 -17.55
C LEU A 47 44.41 -8.78 -16.18
N LYS A 48 44.40 -7.76 -15.30
CA LYS A 48 44.95 -7.88 -13.96
C LYS A 48 43.85 -7.65 -12.94
N TYR A 49 43.89 -8.42 -11.85
CA TYR A 49 42.90 -8.36 -10.78
C TYR A 49 43.61 -8.22 -9.44
N GLU A 50 42.94 -7.54 -8.51
CA GLU A 50 43.55 -7.22 -7.22
C GLU A 50 42.48 -7.23 -6.15
N TRP A 51 42.87 -7.57 -4.93
CA TRP A 51 41.98 -7.58 -3.78
C TRP A 51 41.91 -6.19 -3.15
N PHE A 52 40.71 -5.80 -2.73
CA PHE A 52 40.50 -4.56 -2.00
C PHE A 52 39.51 -4.82 -0.88
N GLU A 53 39.50 -3.93 0.11
CA GLU A 53 38.48 -3.95 1.16
C GLU A 53 37.54 -2.76 0.93
N PHE A 54 36.25 -3.05 0.84
CA PHE A 54 35.22 -2.05 0.58
C PHE A 54 34.45 -1.82 1.87
N ILE A 55 34.40 -0.58 2.32
CA ILE A 55 33.75 -0.19 3.58
C ILE A 55 32.52 0.63 3.25
N LEU A 56 31.42 0.33 3.93
CA LEU A 56 30.15 1.01 3.75
C LEU A 56 29.91 2.02 4.86
N PRO A 57 29.13 3.07 4.60
CA PRO A 57 28.75 3.98 5.70
C PRO A 57 28.03 3.21 6.80
N GLU A 58 28.20 3.67 8.03
CA GLU A 58 27.69 2.93 9.18
C GLU A 58 26.21 3.20 9.39
N GLY A 59 25.55 2.23 10.00
CA GLY A 59 24.12 2.28 10.21
C GLY A 59 23.57 0.87 10.25
N ASN A 60 22.25 0.80 10.44
CA ASN A 60 21.53 -0.47 10.46
C ASN A 60 20.62 -0.48 9.23
N PHE A 61 21.14 -1.01 8.13
CA PHE A 61 20.44 -0.98 6.85
C PHE A 61 19.73 -2.30 6.58
N SER A 62 18.75 -2.23 5.68
CA SER A 62 18.11 -3.42 5.15
C SER A 62 19.04 -4.10 4.13
N ALA A 63 18.70 -5.33 3.79
CA ALA A 63 19.50 -6.05 2.81
C ALA A 63 19.46 -5.37 1.45
N THR A 64 18.28 -4.89 1.04
CA THR A 64 18.16 -4.25 -0.26
C THR A 64 18.87 -2.89 -0.28
N MET A 65 18.87 -2.18 0.85
CA MET A 65 19.66 -0.95 0.94
C MET A 65 21.14 -1.26 1.07
N THR A 66 21.48 -2.36 1.73
CA THR A 66 22.89 -2.77 1.83
C THR A 66 23.44 -3.14 0.46
N ILE A 67 22.62 -3.80 -0.37
CA ILE A 67 23.07 -4.22 -1.70
C ILE A 67 23.39 -3.01 -2.57
N ASP A 68 22.59 -1.94 -2.44
CA ASP A 68 22.87 -0.73 -3.19
C ASP A 68 24.19 -0.11 -2.74
N LEU A 69 24.49 -0.19 -1.45
CA LEU A 69 25.73 0.39 -0.94
C LEU A 69 26.93 -0.45 -1.30
N MET A 70 26.80 -1.78 -1.28
CA MET A 70 27.92 -2.64 -1.64
C MET A 70 28.28 -2.48 -3.11
N ASN A 71 27.27 -2.36 -3.98
CA ASN A 71 27.55 -2.13 -5.39
C ASN A 71 28.13 -0.74 -5.62
N ASN A 72 27.65 0.26 -4.87
CA ASN A 72 28.23 1.59 -4.97
C ASN A 72 29.70 1.58 -4.57
N ALA A 73 30.08 0.70 -3.64
CA ALA A 73 31.49 0.60 -3.26
C ALA A 73 32.31 -0.05 -4.36
N ILE A 74 31.71 -0.98 -5.11
CA ILE A 74 32.40 -1.58 -6.24
C ILE A 74 32.62 -0.55 -7.34
N ILE A 75 31.62 0.27 -7.62
CA ILE A 75 31.75 1.28 -8.66
C ILE A 75 32.71 2.38 -8.23
N ASP A 76 32.68 2.75 -6.96
CA ASP A 76 33.61 3.77 -6.47
C ASP A 76 35.05 3.35 -6.67
N ASN A 77 35.33 2.04 -6.60
CA ASN A 77 36.68 1.55 -6.87
C ASN A 77 36.98 1.58 -8.36
N TYR A 78 35.98 1.26 -9.19
CA TYR A 78 36.17 1.29 -10.63
C TYR A 78 36.43 2.71 -11.12
N LEU A 79 35.77 3.70 -10.54
CA LEU A 79 36.02 5.09 -10.91
C LEU A 79 37.36 5.58 -10.41
N GLU A 80 37.93 4.94 -9.39
CA GLU A 80 39.18 5.40 -8.79
C GLU A 80 40.41 4.84 -9.51
N ILE A 81 40.36 3.57 -9.91
CA ILE A 81 41.50 2.93 -10.55
C ILE A 81 41.10 2.42 -11.92
N GLY A 82 40.15 1.47 -11.93
CA GLY A 82 39.92 0.68 -13.13
C GLY A 82 39.60 1.50 -14.36
N ARG A 83 38.66 2.44 -14.23
CA ARG A 83 38.25 3.23 -15.39
C ARG A 83 39.44 3.93 -16.03
N GLN A 84 40.31 4.52 -15.22
CA GLN A 84 41.47 5.23 -15.72
C GLN A 84 42.59 4.30 -16.19
N ASN A 85 42.40 2.98 -16.09
CA ASN A 85 43.42 2.01 -16.48
C ASN A 85 42.94 1.07 -17.58
N GLY A 86 41.89 1.46 -18.31
CA GLY A 86 41.52 0.77 -19.53
C GLY A 86 40.49 -0.32 -19.39
N VAL A 87 39.91 -0.52 -18.22
CA VAL A 87 38.88 -1.55 -18.05
C VAL A 87 37.53 -0.95 -18.43
N LEU A 88 36.66 -1.80 -18.97
CA LEU A 88 35.35 -1.38 -19.44
C LEU A 88 34.29 -1.62 -18.36
N GLU A 89 33.14 -0.98 -18.54
CA GLU A 89 31.99 -1.28 -17.70
C GLU A 89 31.50 -2.69 -17.91
N SER A 90 31.88 -3.33 -19.01
CA SER A 90 31.60 -4.74 -19.23
C SER A 90 32.52 -5.65 -18.43
N ASP A 91 33.46 -5.09 -17.66
CA ASP A 91 34.44 -5.87 -16.92
C ASP A 91 34.42 -5.59 -15.42
N ILE A 92 33.29 -5.10 -14.90
CA ILE A 92 33.17 -4.77 -13.47
C ILE A 92 33.57 -6.00 -12.67
N GLY A 93 32.77 -7.06 -12.77
CA GLY A 93 33.16 -8.37 -12.27
C GLY A 93 32.61 -8.75 -10.92
N VAL A 94 32.07 -7.81 -10.16
CA VAL A 94 31.45 -8.12 -8.88
C VAL A 94 30.18 -7.30 -8.78
N LYS A 95 29.04 -7.98 -8.70
CA LYS A 95 27.75 -7.31 -8.55
C LYS A 95 26.87 -8.14 -7.63
N PHE A 96 26.12 -7.45 -6.76
CA PHE A 96 25.18 -8.07 -5.85
C PHE A 96 23.77 -7.78 -6.36
N ASP A 97 23.00 -8.85 -6.59
CA ASP A 97 21.69 -8.77 -7.21
C ASP A 97 20.70 -9.51 -6.34
N THR A 98 19.43 -9.55 -6.79
CA THR A 98 18.39 -10.31 -6.12
C THR A 98 17.62 -11.19 -7.09
N ARG A 99 17.93 -11.15 -8.37
CA ARG A 99 17.13 -11.84 -9.38
C ARG A 99 17.57 -13.30 -9.51
N ASN A 100 16.65 -14.11 -10.03
CA ASN A 100 16.95 -15.47 -10.48
C ASN A 100 17.09 -15.40 -11.99
N PHE A 101 18.31 -15.12 -12.46
CA PHE A 101 18.60 -15.18 -13.90
C PHE A 101 18.17 -16.53 -14.44
N ARG A 102 18.04 -16.66 -15.75
CA ARG A 102 17.60 -17.89 -16.40
C ARG A 102 16.19 -18.32 -16.00
N LEU A 103 15.42 -17.42 -15.40
CA LEU A 103 13.96 -17.54 -15.37
C LEU A 103 13.43 -16.94 -16.66
N GLY A 104 12.78 -17.76 -17.46
CA GLY A 104 12.57 -17.37 -18.85
C GLY A 104 13.44 -18.13 -19.84
N TRP A 105 14.31 -18.97 -19.31
CA TRP A 105 15.14 -19.84 -20.11
C TRP A 105 14.31 -20.87 -20.83
N ASP A 106 14.65 -21.13 -22.09
CA ASP A 106 13.96 -22.11 -22.92
C ASP A 106 14.84 -23.33 -23.11
N PRO A 107 14.33 -24.55 -22.90
CA PRO A 107 15.19 -25.73 -23.00
C PRO A 107 15.64 -26.07 -24.42
N GLU A 108 14.95 -25.54 -25.44
CA GLU A 108 15.31 -25.86 -26.82
C GLU A 108 16.24 -24.80 -27.43
N THR A 109 15.90 -23.52 -27.26
CA THR A 109 16.75 -22.44 -27.75
C THR A 109 17.88 -22.11 -26.78
N LYS A 110 17.72 -22.46 -25.49
CA LYS A 110 18.74 -22.22 -24.47
C LYS A 110 19.04 -20.74 -24.32
N LEU A 111 18.01 -19.91 -24.44
CA LEU A 111 18.16 -18.47 -24.33
C LEU A 111 17.02 -17.92 -23.48
N ILE A 112 17.20 -16.69 -23.00
CA ILE A 112 16.15 -15.99 -22.26
C ILE A 112 15.20 -15.36 -23.26
N MET A 113 14.15 -16.07 -23.61
CA MET A 113 13.32 -15.65 -24.73
C MET A 113 12.68 -14.29 -24.53
N PRO A 114 12.24 -13.89 -23.33
CA PRO A 114 11.70 -12.52 -23.17
C PRO A 114 12.67 -11.43 -23.59
N GLY A 115 13.97 -11.74 -23.69
CA GLY A 115 14.96 -10.72 -24.00
C GLY A 115 15.40 -9.90 -22.81
N VAL A 116 14.80 -10.10 -21.64
CA VAL A 116 15.20 -9.42 -20.41
C VAL A 116 15.04 -10.41 -19.26
N TYR A 117 15.91 -10.29 -18.26
CA TYR A 117 15.80 -11.13 -17.07
C TYR A 117 14.62 -10.67 -16.22
N THR A 118 13.99 -11.63 -15.55
CA THR A 118 12.81 -11.33 -14.73
C THR A 118 13.19 -10.39 -13.60
N TYR A 119 12.40 -9.32 -13.44
CA TYR A 119 12.71 -8.26 -12.48
C TYR A 119 11.91 -8.47 -11.20
N GLU A 120 12.17 -9.60 -10.54
CA GLU A 120 11.55 -9.94 -9.27
C GLU A 120 12.64 -10.39 -8.30
N ALA A 121 12.53 -9.95 -7.06
CA ALA A 121 13.50 -10.28 -6.03
C ALA A 121 13.21 -11.67 -5.48
N PHE A 122 14.21 -12.55 -5.52
CA PHE A 122 14.13 -13.91 -5.00
C PHE A 122 15.00 -14.13 -3.77
N HIS A 123 16.27 -13.73 -3.86
CA HIS A 123 17.23 -13.89 -2.77
C HIS A 123 18.48 -13.09 -3.14
N PRO A 124 19.11 -12.39 -2.20
CA PRO A 124 20.34 -11.68 -2.53
C PRO A 124 21.40 -12.61 -3.12
N ASP A 125 22.04 -12.15 -4.18
CA ASP A 125 22.91 -12.99 -5.00
C ASP A 125 24.23 -12.29 -5.25
N ILE A 126 25.23 -13.08 -5.61
CA ILE A 126 26.57 -12.60 -5.95
C ILE A 126 26.84 -12.98 -7.40
N VAL A 127 27.06 -11.98 -8.25
CA VAL A 127 27.36 -12.18 -9.66
C VAL A 127 28.84 -11.85 -9.88
N LEU A 128 29.54 -12.70 -10.63
CA LEU A 128 30.98 -12.59 -10.77
C LEU A 128 31.41 -12.82 -12.21
N LEU A 129 32.48 -12.16 -12.60
CA LEU A 129 33.19 -12.38 -13.85
C LEU A 129 34.46 -13.18 -13.59
N PRO A 130 35.08 -13.72 -14.64
CA PRO A 130 36.31 -14.49 -14.45
C PRO A 130 37.39 -13.67 -13.75
N GLY A 131 38.01 -14.29 -12.74
CA GLY A 131 39.08 -13.66 -12.01
C GLY A 131 38.67 -12.91 -10.76
N CYS A 132 37.38 -12.75 -10.53
CA CYS A 132 36.88 -11.97 -9.40
C CYS A 132 36.35 -12.89 -8.32
N GLY A 133 35.93 -12.26 -7.22
CA GLY A 133 35.38 -13.00 -6.09
C GLY A 133 35.13 -12.05 -4.95
N VAL A 134 34.52 -12.60 -3.89
CA VAL A 134 34.24 -11.86 -2.67
C VAL A 134 34.68 -12.71 -1.48
N ASP A 135 35.10 -12.03 -0.42
CA ASP A 135 35.60 -12.68 0.79
C ASP A 135 34.89 -12.08 1.99
N PHE A 136 34.21 -12.93 2.77
CA PHE A 136 33.47 -12.50 3.95
C PHE A 136 34.11 -13.02 5.24
N THR A 137 35.43 -13.25 5.23
CA THR A 137 36.08 -13.79 6.40
C THR A 137 35.96 -12.83 7.58
N GLU A 138 36.20 -11.55 7.35
CA GLU A 138 36.08 -10.54 8.41
C GLU A 138 34.89 -9.63 8.13
N SER A 139 33.71 -10.22 7.96
CA SER A 139 32.53 -9.46 7.59
C SER A 139 31.27 -10.16 8.12
N ARG A 140 30.32 -9.35 8.56
CA ARG A 140 29.01 -9.83 8.98
C ARG A 140 27.94 -9.62 7.92
N LEU A 141 28.33 -9.12 6.74
CA LEU A 141 27.35 -8.86 5.69
C LEU A 141 26.81 -10.14 5.07
N SER A 142 27.62 -11.21 5.08
CA SER A 142 27.16 -12.48 4.53
C SER A 142 25.92 -12.99 5.26
N ASN A 143 25.84 -12.76 6.57
CA ASN A 143 24.66 -13.16 7.33
C ASN A 143 23.45 -12.33 6.94
N LEU A 144 23.64 -11.02 6.77
CA LEU A 144 22.53 -10.17 6.35
C LEU A 144 22.05 -10.53 4.96
N LEU A 145 22.93 -11.04 4.11
CA LEU A 145 22.59 -11.43 2.76
C LEU A 145 22.13 -12.89 2.67
N GLY A 146 22.00 -13.57 3.80
CA GLY A 146 21.50 -14.94 3.77
C GLY A 146 22.41 -15.94 3.13
N ILE A 147 23.70 -15.64 3.00
CA ILE A 147 24.68 -16.56 2.42
C ILE A 147 25.65 -16.95 3.53
N ARG A 148 25.68 -18.24 3.85
CA ARG A 148 26.48 -18.73 4.97
C ARG A 148 27.27 -19.96 4.55
N LYS A 149 28.31 -20.26 5.33
CA LYS A 149 29.03 -21.51 5.19
C LYS A 149 28.25 -22.62 5.88
N ARG A 150 28.29 -23.82 5.30
CA ARG A 150 27.46 -24.90 5.80
C ARG A 150 28.08 -25.58 7.01
N HIS A 151 29.41 -25.61 7.11
CA HIS A 151 30.08 -26.23 8.24
C HIS A 151 31.29 -25.39 8.65
N PRO A 152 31.63 -25.36 9.95
CA PRO A 152 32.81 -24.63 10.42
C PRO A 152 34.09 -25.46 10.34
N PHE A 153 34.31 -26.13 9.22
CA PHE A 153 35.51 -26.95 9.07
C PHE A 153 36.76 -26.09 9.06
N GLN A 154 36.78 -25.06 8.20
CA GLN A 154 37.94 -24.18 8.05
C GLN A 154 37.48 -22.74 8.16
N GLU A 155 38.20 -21.95 8.95
CA GLU A 155 37.91 -20.53 9.07
C GLU A 155 38.11 -19.85 7.72
N GLY A 156 37.36 -18.77 7.51
CA GLY A 156 37.42 -18.05 6.25
C GLY A 156 36.22 -18.32 5.35
N PHE A 157 35.73 -17.28 4.69
CA PHE A 157 34.57 -17.38 3.81
C PHE A 157 34.88 -16.57 2.55
N LYS A 158 35.27 -17.26 1.48
CA LYS A 158 35.59 -16.62 0.21
C LYS A 158 34.88 -17.36 -0.91
N ILE A 159 34.11 -16.62 -1.70
CA ILE A 159 33.40 -17.17 -2.86
C ILE A 159 34.05 -16.56 -4.10
N MET A 160 34.74 -17.40 -4.87
CA MET A 160 35.42 -16.96 -6.09
C MET A 160 34.67 -17.44 -7.31
N TYR A 161 35.05 -16.87 -8.46
CA TYR A 161 34.38 -17.21 -9.72
C TYR A 161 34.55 -18.69 -10.06
N GLU A 162 35.63 -19.31 -9.58
CA GLU A 162 35.86 -20.72 -9.88
C GLU A 162 34.98 -21.64 -9.05
N ASP A 163 34.35 -21.14 -7.99
CA ASP A 163 33.50 -21.96 -7.15
C ASP A 163 32.05 -21.99 -7.63
N LEU A 164 31.68 -21.15 -8.58
CA LEU A 164 30.30 -21.04 -9.07
C LEU A 164 30.11 -21.77 -10.38
N GLU A 165 30.71 -22.95 -10.52
CA GLU A 165 30.52 -23.76 -11.72
C GLU A 165 29.05 -24.13 -11.88
N GLY A 166 28.59 -24.14 -13.12
CA GLY A 166 27.19 -24.38 -13.40
C GLY A 166 26.27 -23.22 -13.11
N GLY A 167 26.83 -22.05 -12.76
CA GLY A 167 26.03 -20.89 -12.46
C GLY A 167 26.17 -19.77 -13.48
N ASN A 168 26.60 -20.11 -14.69
CA ASN A 168 26.67 -19.11 -15.75
C ASN A 168 25.29 -18.55 -16.04
N ILE A 169 25.23 -17.23 -16.18
CA ILE A 169 23.98 -16.53 -16.51
C ILE A 169 23.72 -16.73 -18.01
N PRO A 170 22.61 -17.36 -18.41
CA PRO A 170 22.33 -17.49 -19.84
C PRO A 170 22.15 -16.13 -20.50
N ALA A 171 22.43 -16.09 -21.80
CA ALA A 171 22.33 -14.85 -22.57
C ALA A 171 20.88 -14.58 -22.97
N LEU A 172 20.62 -13.31 -23.28
CA LEU A 172 19.28 -12.88 -23.68
C LEU A 172 19.09 -13.09 -25.17
N LEU A 173 17.83 -13.26 -25.57
CA LEU A 173 17.48 -13.43 -26.97
C LEU A 173 17.45 -12.09 -27.68
N ASP A 174 17.93 -12.07 -28.92
CA ASP A 174 17.81 -10.91 -29.80
C ASP A 174 16.37 -10.87 -30.30
N VAL A 175 15.52 -10.14 -29.57
CA VAL A 175 14.10 -10.18 -29.85
C VAL A 175 13.79 -9.43 -31.15
N THR A 176 14.50 -8.34 -31.41
CA THR A 176 14.23 -7.55 -32.62
C THR A 176 14.51 -8.36 -33.88
N ALA A 177 15.43 -9.33 -33.81
CA ALA A 177 15.68 -10.22 -34.94
C ALA A 177 14.71 -11.39 -34.98
N TYR A 178 14.29 -11.89 -33.82
CA TYR A 178 13.33 -12.99 -33.76
C TYR A 178 11.94 -12.53 -34.17
N GLU A 179 11.60 -11.26 -33.92
CA GLU A 179 10.26 -10.77 -34.23
C GLU A 179 10.12 -10.42 -35.71
N GLU A 180 11.18 -9.90 -36.34
CA GLU A 180 11.10 -9.55 -37.76
C GLU A 180 11.35 -10.74 -38.68
N SER A 181 11.93 -11.82 -38.16
CA SER A 181 12.18 -12.98 -39.02
C SER A 181 10.89 -13.54 -39.60
N LYS A 182 9.79 -13.44 -38.86
CA LYS A 182 8.49 -13.90 -39.34
C LYS A 182 7.79 -12.82 -40.16
N LEU A 195 14.32 -18.77 -37.56
CA LEU A 195 13.61 -17.57 -37.12
C LEU A 195 14.56 -16.60 -36.42
N LYS A 196 15.87 -16.79 -36.66
CA LYS A 196 16.91 -15.94 -36.08
C LYS A 196 16.88 -15.99 -34.55
N ILE A 197 17.15 -17.18 -34.03
CA ILE A 197 17.26 -17.38 -32.58
C ILE A 197 18.73 -17.23 -32.24
N GLN A 198 19.12 -16.00 -31.88
CA GLN A 198 20.51 -15.66 -31.59
C GLN A 198 20.56 -14.78 -30.36
N PRO A 199 21.67 -14.84 -29.61
CA PRO A 199 21.75 -14.07 -28.36
C PRO A 199 22.05 -12.60 -28.58
N LEU A 200 21.58 -11.78 -27.64
CA LEU A 200 21.88 -10.36 -27.61
C LEU A 200 23.28 -10.16 -27.05
N GLU A 201 24.15 -9.52 -27.82
CA GLU A 201 25.57 -9.45 -27.49
C GLU A 201 26.00 -8.09 -26.95
N LYS A 202 25.13 -7.08 -26.99
CA LYS A 202 25.42 -5.77 -26.47
C LYS A 202 24.12 -5.12 -26.02
N ASP A 203 24.24 -4.13 -25.14
CA ASP A 203 23.07 -3.45 -24.61
C ASP A 203 22.77 -2.21 -25.44
N SER A 204 21.92 -1.32 -24.92
CA SER A 204 21.53 -0.13 -25.67
C SER A 204 22.71 0.81 -25.87
N LYS A 205 23.46 1.09 -24.80
CA LYS A 205 24.60 1.99 -24.86
C LYS A 205 25.89 1.28 -25.25
N SER A 206 25.79 0.16 -25.97
CA SER A 206 26.94 -0.56 -26.49
C SER A 206 27.88 -1.01 -25.38
N ARG A 207 27.33 -1.81 -24.47
CA ARG A 207 28.10 -2.50 -23.44
C ARG A 207 28.08 -3.99 -23.74
N SER A 208 29.25 -4.60 -23.82
CA SER A 208 29.32 -6.02 -24.14
C SER A 208 28.69 -6.84 -23.02
N TYR A 209 27.77 -7.73 -23.38
CA TYR A 209 27.20 -8.68 -22.43
C TYR A 209 28.14 -9.85 -22.16
N ASN A 210 29.35 -9.85 -22.72
CA ASN A 210 30.34 -10.88 -22.46
C ASN A 210 29.81 -12.27 -22.84
N VAL A 211 29.19 -12.36 -24.02
CA VAL A 211 28.70 -13.64 -24.51
C VAL A 211 29.90 -14.52 -24.86
N LEU A 212 29.74 -15.82 -24.65
CA LEU A 212 30.80 -16.78 -24.88
C LEU A 212 30.56 -17.55 -26.17
N GLU A 213 31.39 -18.54 -26.44
CA GLU A 213 31.18 -19.44 -27.56
C GLU A 213 29.89 -20.25 -27.35
N ASP A 214 29.39 -20.83 -28.43
CA ASP A 214 28.11 -21.53 -28.42
C ASP A 214 26.96 -20.54 -28.42
N LYS A 215 27.23 -19.30 -27.98
CA LYS A 215 26.28 -18.19 -28.07
C LYS A 215 24.97 -18.53 -27.36
N ILE A 216 25.09 -18.95 -26.10
CA ILE A 216 23.91 -19.22 -25.27
C ILE A 216 24.15 -18.66 -23.87
N ASN A 217 25.36 -18.83 -23.36
CA ASN A 217 25.69 -18.45 -21.99
C ASN A 217 26.53 -17.18 -21.98
N THR A 218 26.80 -16.71 -20.76
CA THR A 218 27.50 -15.46 -20.51
C THR A 218 28.67 -15.73 -19.60
N ALA A 219 29.69 -14.86 -19.69
CA ALA A 219 30.85 -14.97 -18.82
C ALA A 219 30.47 -14.74 -17.35
N TYR A 220 29.32 -14.12 -17.10
CA TYR A 220 28.89 -13.87 -15.73
C TYR A 220 28.45 -15.18 -15.07
N ARG A 221 28.80 -15.35 -13.81
CA ARG A 221 28.30 -16.44 -12.99
C ARG A 221 27.67 -15.87 -11.73
N SER A 222 26.74 -16.63 -11.15
CA SER A 222 26.03 -16.20 -9.97
C SER A 222 26.01 -17.33 -8.94
N TRP A 223 26.06 -16.93 -7.67
CA TRP A 223 26.01 -17.92 -6.59
C TRP A 223 24.66 -18.63 -6.56
N TYR A 224 23.57 -17.88 -6.79
CA TYR A 224 22.24 -18.47 -6.71
C TYR A 224 22.02 -19.53 -7.77
N LEU A 225 22.49 -19.28 -9.00
CA LEU A 225 22.31 -20.26 -10.06
C LEU A 225 23.13 -21.52 -9.81
N SER A 226 24.39 -21.35 -9.39
CA SER A 226 25.20 -22.52 -9.09
C SER A 226 24.68 -23.26 -7.87
N TYR A 227 24.10 -22.52 -6.92
CA TYR A 227 23.55 -23.16 -5.71
C TYR A 227 22.33 -24.01 -6.04
N ASN A 228 21.45 -23.49 -6.89
CA ASN A 228 20.19 -24.17 -7.18
C ASN A 228 20.29 -25.08 -8.39
N TYR A 229 20.98 -24.65 -9.45
CA TYR A 229 21.02 -25.41 -10.70
C TYR A 229 22.35 -26.11 -10.95
N GLY A 230 23.35 -25.92 -10.09
CA GLY A 230 24.62 -26.59 -10.24
C GLY A 230 24.57 -28.03 -9.72
N ASN A 231 25.75 -28.64 -9.69
CA ASN A 231 25.87 -30.00 -9.18
C ASN A 231 25.52 -30.02 -7.69
N PRO A 232 24.51 -30.78 -7.26
CA PRO A 232 24.10 -30.70 -5.84
C PRO A 232 25.16 -31.19 -4.87
N GLU A 233 26.05 -32.08 -5.30
CA GLU A 233 27.03 -32.70 -4.40
C GLU A 233 28.46 -32.26 -4.66
N LYS A 234 28.68 -31.34 -5.61
CA LYS A 234 30.02 -30.86 -5.90
C LYS A 234 30.09 -29.36 -6.14
N GLY A 235 28.96 -28.68 -6.34
CA GLY A 235 28.95 -27.26 -6.60
C GLY A 235 29.06 -26.43 -5.34
N ILE A 236 28.68 -25.16 -5.48
CA ILE A 236 28.76 -24.23 -4.36
C ILE A 236 27.81 -24.61 -3.24
N ARG A 237 26.79 -25.43 -3.53
CA ARG A 237 25.86 -25.85 -2.50
C ARG A 237 26.51 -26.74 -1.45
N SER A 238 27.61 -27.43 -1.80
CA SER A 238 28.20 -28.39 -0.89
C SER A 238 28.81 -27.73 0.35
N TRP A 239 29.16 -26.44 0.28
CA TRP A 239 29.77 -25.79 1.43
C TRP A 239 29.19 -24.40 1.73
N THR A 240 28.16 -23.96 1.01
CA THR A 240 27.43 -22.75 1.36
C THR A 240 25.98 -23.11 1.68
N LEU A 241 25.29 -22.20 2.34
CA LEU A 241 23.92 -22.44 2.76
C LEU A 241 23.08 -21.20 2.52
N LEU A 242 21.92 -21.39 1.90
CA LEU A 242 20.96 -20.31 1.68
C LEU A 242 20.07 -20.17 2.90
N THR A 243 19.98 -18.95 3.41
CA THR A 243 19.12 -18.64 4.55
C THR A 243 18.36 -17.35 4.27
N THR A 244 17.37 -17.08 5.11
CA THR A 244 16.57 -15.87 4.94
C THR A 244 17.40 -14.63 5.23
N SER A 245 16.81 -13.47 4.92
CA SER A 245 17.49 -12.19 5.07
C SER A 245 16.84 -11.35 6.16
N HIS A 283 20.57 8.96 -10.87
CA HIS A 283 20.44 7.77 -10.03
C HIS A 283 21.79 7.10 -9.83
N VAL A 284 22.41 7.37 -8.67
CA VAL A 284 23.72 6.80 -8.39
C VAL A 284 23.63 5.29 -8.18
N PHE A 285 22.48 4.81 -7.72
CA PHE A 285 22.27 3.37 -7.52
C PHE A 285 21.79 2.67 -8.78
N ASN A 286 21.68 3.38 -9.91
CA ASN A 286 21.32 2.79 -11.19
C ASN A 286 22.12 3.51 -12.27
N ARG A 287 23.43 3.27 -12.30
CA ARG A 287 24.30 3.91 -13.27
C ARG A 287 24.24 3.26 -14.64
N PHE A 288 23.64 2.08 -14.76
CA PHE A 288 23.55 1.36 -16.02
C PHE A 288 22.10 0.90 -16.22
N PRO A 289 21.19 1.86 -16.39
CA PRO A 289 19.76 1.49 -16.49
C PRO A 289 19.45 0.63 -17.71
N GLU A 290 20.30 0.65 -18.73
CA GLU A 290 20.07 -0.12 -19.94
C GLU A 290 20.64 -1.53 -19.86
N ASN A 291 21.71 -1.72 -19.08
CA ASN A 291 22.38 -3.01 -19.01
C ASN A 291 21.58 -3.97 -18.14
N GLN A 292 21.28 -5.16 -18.69
CA GLN A 292 20.45 -6.11 -17.99
C GLN A 292 21.16 -6.82 -16.85
N ILE A 293 22.49 -6.85 -16.87
CA ILE A 293 23.23 -7.47 -15.78
C ILE A 293 23.51 -6.47 -14.66
N LEU A 294 23.87 -5.24 -15.00
CA LEU A 294 24.21 -4.22 -14.03
C LEU A 294 23.03 -3.37 -13.60
N ILE A 295 21.80 -3.71 -14.03
CA ILE A 295 20.64 -2.95 -13.63
C ILE A 295 20.46 -3.03 -12.12
N ARG A 296 19.91 -1.97 -11.53
CA ARG A 296 19.66 -1.96 -10.10
C ARG A 296 18.81 -3.17 -9.72
N PRO A 297 19.20 -3.93 -8.71
CA PRO A 297 18.43 -5.13 -8.37
C PRO A 297 17.05 -4.76 -7.90
N PRO A 298 16.05 -5.61 -8.15
CA PRO A 298 14.70 -5.31 -7.68
C PRO A 298 14.57 -5.51 -6.18
N ALA A 299 13.67 -4.70 -5.56
CA ALA A 299 13.40 -4.76 -4.13
C ALA A 299 12.28 -5.74 -3.83
N PRO A 300 12.26 -6.32 -2.63
CA PRO A 300 11.19 -7.27 -2.28
C PRO A 300 9.83 -6.60 -2.22
N THR A 301 8.79 -7.44 -2.11
CA THR A 301 7.41 -6.99 -2.05
C THR A 301 7.06 -6.14 -3.27
N GLU B 13 -18.93 -33.13 12.13
CA GLU B 13 -17.50 -33.14 11.80
C GLU B 13 -17.21 -32.21 10.63
N TYR B 14 -17.21 -32.77 9.41
CA TYR B 14 -16.90 -32.00 8.20
C TYR B 14 -18.20 -31.44 7.63
N MET B 15 -18.69 -30.39 8.30
CA MET B 15 -19.88 -29.65 7.87
C MET B 15 -19.48 -28.25 7.44
N PHE B 16 -20.47 -27.39 7.26
CA PHE B 16 -20.23 -26.02 6.78
C PHE B 16 -20.10 -25.07 7.95
N SER B 17 -19.27 -24.04 7.76
CA SER B 17 -18.90 -23.11 8.83
C SER B 17 -19.46 -21.71 8.61
N ASN B 18 -19.28 -21.14 7.42
CA ASN B 18 -19.76 -19.80 7.10
C ASN B 18 -21.16 -19.92 6.50
N LYS B 19 -22.18 -19.72 7.33
CA LYS B 19 -23.56 -19.97 6.93
C LYS B 19 -24.50 -19.11 7.75
N PHE B 20 -25.64 -18.78 7.14
CA PHE B 20 -26.70 -18.05 7.82
C PHE B 20 -28.00 -18.34 7.08
N LYS B 21 -29.11 -17.92 7.69
CA LYS B 21 -30.43 -18.08 7.12
C LYS B 21 -31.08 -16.70 6.97
N ALA B 22 -31.94 -16.57 5.97
CA ALA B 22 -32.66 -15.32 5.79
C ALA B 22 -33.97 -15.58 5.05
N ARG B 23 -34.90 -14.64 5.21
CA ARG B 23 -36.20 -14.67 4.55
C ARG B 23 -36.20 -13.61 3.46
N VAL B 24 -36.43 -14.03 2.22
CA VAL B 24 -36.36 -13.17 1.06
C VAL B 24 -37.66 -13.29 0.28
N MET B 25 -37.79 -12.47 -0.77
CA MET B 25 -38.98 -12.50 -1.62
C MET B 25 -38.76 -13.52 -2.74
N VAL B 26 -39.74 -14.40 -2.92
CA VAL B 26 -39.63 -15.50 -3.88
C VAL B 26 -40.51 -15.27 -5.10
N SER B 27 -41.70 -14.71 -4.91
CA SER B 27 -42.63 -14.51 -6.01
C SER B 27 -43.19 -13.10 -5.97
N ARG B 28 -43.53 -12.58 -7.15
CA ARG B 28 -44.20 -11.29 -7.26
C ARG B 28 -45.14 -11.38 -8.47
N LYS B 29 -46.41 -11.66 -8.20
CA LYS B 29 -47.41 -11.88 -9.24
C LYS B 29 -48.62 -10.99 -9.00
N ALA B 30 -49.60 -11.09 -9.89
CA ALA B 30 -50.87 -10.41 -9.74
C ALA B 30 -51.85 -11.31 -9.01
N PRO B 31 -52.97 -10.76 -8.53
CA PRO B 31 -54.02 -11.62 -7.99
C PRO B 31 -54.37 -12.74 -8.96
N GLU B 32 -54.73 -13.89 -8.40
CA GLU B 32 -54.88 -15.11 -9.18
C GLU B 32 -55.63 -14.93 -10.49
N GLY B 33 -56.61 -14.03 -10.50
CA GLY B 33 -57.35 -13.77 -11.73
C GLY B 33 -56.80 -12.69 -12.62
N VAL B 34 -56.18 -11.67 -12.01
CA VAL B 34 -55.71 -10.50 -12.75
C VAL B 34 -54.75 -10.90 -13.86
N THR B 35 -54.80 -10.18 -14.96
CA THR B 35 -53.88 -10.36 -16.09
C THR B 35 -53.22 -9.02 -16.44
N VAL B 36 -51.95 -9.06 -16.80
CA VAL B 36 -51.14 -7.85 -17.07
C VAL B 36 -51.96 -6.78 -17.79
N ASN B 37 -51.92 -5.55 -17.33
CA ASN B 37 -52.70 -4.44 -17.90
C ASN B 37 -51.77 -3.33 -18.43
N ASP B 38 -52.37 -2.33 -19.04
CA ASP B 38 -51.63 -1.15 -19.49
C ASP B 38 -52.15 0.08 -18.80
N HIS B 42 -48.28 -0.85 -8.89
CA HIS B 42 -48.73 -1.94 -9.75
C HIS B 42 -47.68 -3.01 -9.99
N LYS B 43 -47.35 -3.25 -11.27
CA LYS B 43 -46.36 -4.25 -11.61
C LYS B 43 -46.81 -5.64 -11.18
N GLU B 44 -47.10 -5.80 -9.89
CA GLU B 44 -47.57 -7.06 -9.32
C GLU B 44 -47.84 -6.83 -7.83
N ASP B 45 -49.00 -7.24 -7.35
CA ASP B 45 -49.44 -6.88 -6.00
C ASP B 45 -49.15 -7.94 -4.95
N ILE B 46 -49.23 -9.22 -5.30
CA ILE B 46 -49.15 -10.31 -4.34
C ILE B 46 -47.68 -10.71 -4.18
N LEU B 47 -47.20 -10.73 -2.95
CA LEU B 47 -45.80 -10.99 -2.65
C LEU B 47 -45.68 -12.21 -1.75
N LYS B 48 -44.76 -13.11 -2.10
CA LYS B 48 -44.52 -14.34 -1.37
C LYS B 48 -43.08 -14.36 -0.88
N TYR B 49 -42.88 -14.69 0.39
CA TYR B 49 -41.57 -14.76 1.00
C TYR B 49 -41.32 -16.15 1.54
N GLU B 50 -40.05 -16.49 1.72
CA GLU B 50 -39.69 -17.84 2.14
C GLU B 50 -38.29 -17.82 2.76
N TRP B 51 -38.10 -18.68 3.75
CA TRP B 51 -36.81 -18.82 4.40
C TRP B 51 -35.88 -19.72 3.58
N PHE B 52 -34.59 -19.39 3.59
CA PHE B 52 -33.57 -20.20 2.96
C PHE B 52 -32.35 -20.21 3.85
N GLU B 53 -31.51 -21.23 3.65
CA GLU B 53 -30.19 -21.29 4.30
C GLU B 53 -29.13 -20.99 3.25
N PHE B 54 -28.32 -19.99 3.51
CA PHE B 54 -27.27 -19.55 2.59
C PHE B 54 -25.92 -20.06 3.08
N ILE B 55 -25.16 -20.68 2.17
CA ILE B 55 -23.88 -21.26 2.50
C ILE B 55 -22.80 -20.50 1.75
N LEU B 56 -21.73 -20.12 2.46
CA LEU B 56 -20.58 -19.44 1.90
C LEU B 56 -19.44 -20.44 1.69
N PRO B 57 -18.52 -20.18 0.76
CA PRO B 57 -17.33 -21.03 0.66
C PRO B 57 -16.49 -20.93 1.92
N GLU B 58 -15.90 -22.05 2.32
CA GLU B 58 -15.16 -22.07 3.57
C GLU B 58 -13.86 -21.28 3.47
N GLY B 59 -13.36 -20.86 4.63
CA GLY B 59 -12.17 -20.04 4.72
C GLY B 59 -12.26 -19.02 5.82
N ASN B 60 -11.16 -18.32 6.09
CA ASN B 60 -11.11 -17.24 7.08
C ASN B 60 -11.10 -15.92 6.31
N PHE B 61 -12.26 -15.31 6.18
CA PHE B 61 -12.38 -14.06 5.42
C PHE B 61 -12.52 -12.88 6.36
N SER B 62 -12.15 -11.71 5.85
CA SER B 62 -12.35 -10.46 6.59
C SER B 62 -13.83 -10.09 6.57
N ALA B 63 -14.16 -8.99 7.25
CA ALA B 63 -15.55 -8.55 7.29
C ALA B 63 -16.02 -8.10 5.91
N THR B 64 -15.17 -7.38 5.18
CA THR B 64 -15.59 -6.93 3.85
C THR B 64 -15.77 -8.12 2.90
N MET B 65 -14.86 -9.08 2.95
CA MET B 65 -14.97 -10.26 2.09
C MET B 65 -16.17 -11.11 2.47
N THR B 66 -16.46 -11.18 3.77
CA THR B 66 -17.64 -11.93 4.22
C THR B 66 -18.93 -11.22 3.79
N ILE B 67 -18.95 -9.90 3.85
CA ILE B 67 -20.14 -9.16 3.42
C ILE B 67 -20.36 -9.32 1.92
N ASP B 68 -19.28 -9.31 1.13
CA ASP B 68 -19.43 -9.48 -0.31
C ASP B 68 -19.95 -10.87 -0.64
N LEU B 69 -19.52 -11.89 0.11
CA LEU B 69 -19.98 -13.24 -0.16
C LEU B 69 -21.41 -13.44 0.31
N MET B 70 -21.78 -12.81 1.44
CA MET B 70 -23.15 -12.92 1.92
C MET B 70 -24.13 -12.27 0.95
N ASN B 71 -23.78 -11.09 0.42
CA ASN B 71 -24.62 -10.48 -0.60
C ASN B 71 -24.67 -11.34 -1.85
N ASN B 72 -23.56 -12.01 -2.19
CA ASN B 72 -23.53 -12.85 -3.37
C ASN B 72 -24.42 -14.08 -3.19
N ALA B 73 -24.56 -14.56 -1.95
CA ALA B 73 -25.45 -15.69 -1.70
C ALA B 73 -26.92 -15.28 -1.81
N ILE B 74 -27.24 -14.08 -1.33
CA ILE B 74 -28.60 -13.57 -1.45
C ILE B 74 -28.97 -13.42 -2.93
N ILE B 75 -28.08 -12.83 -3.72
CA ILE B 75 -28.36 -12.63 -5.13
C ILE B 75 -28.34 -13.96 -5.89
N ASP B 76 -27.49 -14.91 -5.48
CA ASP B 76 -27.53 -16.23 -6.08
C ASP B 76 -28.89 -16.90 -5.90
N ASN B 77 -29.55 -16.63 -4.77
CA ASN B 77 -30.90 -17.15 -4.57
C ASN B 77 -31.90 -16.44 -5.48
N TYR B 78 -31.72 -15.12 -5.65
CA TYR B 78 -32.63 -14.35 -6.51
C TYR B 78 -32.53 -14.79 -7.96
N LEU B 79 -31.37 -15.34 -8.37
CA LEU B 79 -31.15 -15.71 -9.76
C LEU B 79 -31.67 -17.10 -10.11
N GLU B 80 -31.92 -17.95 -9.12
CA GLU B 80 -32.45 -19.29 -9.38
C GLU B 80 -33.93 -19.41 -9.08
N ILE B 81 -34.40 -18.72 -8.03
CA ILE B 81 -35.82 -18.74 -7.66
C ILE B 81 -36.25 -17.31 -7.37
N GLY B 82 -36.80 -16.62 -8.37
CA GLY B 82 -37.30 -15.28 -8.13
C GLY B 82 -37.32 -14.39 -9.35
N ARG B 83 -36.15 -14.09 -9.90
CA ARG B 83 -36.10 -13.40 -11.18
C ARG B 83 -37.03 -14.08 -12.18
N GLN B 84 -37.09 -15.41 -12.14
CA GLN B 84 -37.97 -16.20 -12.98
C GLN B 84 -39.39 -16.29 -12.45
N ASN B 85 -39.66 -15.71 -11.28
CA ASN B 85 -40.99 -15.71 -10.69
C ASN B 85 -41.56 -14.31 -10.52
N GLY B 86 -40.97 -13.31 -11.19
CA GLY B 86 -41.56 -11.99 -11.28
C GLY B 86 -41.02 -10.97 -10.31
N VAL B 87 -40.15 -11.36 -9.38
CA VAL B 87 -39.62 -10.39 -8.43
C VAL B 87 -38.59 -9.50 -9.12
N LEU B 88 -38.51 -8.25 -8.68
CA LEU B 88 -37.63 -7.27 -9.28
C LEU B 88 -36.34 -7.14 -8.48
N GLU B 89 -35.34 -6.51 -9.11
CA GLU B 89 -34.11 -6.19 -8.40
C GLU B 89 -34.34 -5.15 -7.31
N SER B 90 -35.41 -4.36 -7.42
CA SER B 90 -35.78 -3.41 -6.38
C SER B 90 -36.53 -4.06 -5.23
N ASP B 91 -36.65 -5.39 -5.23
CA ASP B 91 -37.38 -6.11 -4.19
C ASP B 91 -36.50 -7.16 -3.51
N ILE B 92 -35.17 -7.01 -3.57
CA ILE B 92 -34.28 -8.01 -3.00
C ILE B 92 -34.59 -8.24 -1.54
N GLY B 93 -34.40 -7.20 -0.72
CA GLY B 93 -34.93 -7.17 0.62
C GLY B 93 -33.97 -7.60 1.72
N VAL B 94 -32.79 -8.10 1.37
CA VAL B 94 -31.77 -8.46 2.35
C VAL B 94 -30.42 -8.04 1.79
N LYS B 95 -29.76 -7.08 2.44
CA LYS B 95 -28.45 -6.64 2.02
C LYS B 95 -27.60 -6.33 3.25
N PHE B 96 -26.32 -6.65 3.14
CA PHE B 96 -25.33 -6.38 4.18
C PHE B 96 -24.44 -5.25 3.71
N ASP B 97 -24.39 -4.17 4.48
CA ASP B 97 -23.71 -2.94 4.10
C ASP B 97 -22.81 -2.51 5.25
N THR B 98 -22.16 -1.35 5.07
CA THR B 98 -21.29 -0.80 6.10
C THR B 98 -21.49 0.69 6.30
N ARG B 99 -22.44 1.31 5.61
CA ARG B 99 -22.57 2.75 5.59
C ARG B 99 -23.46 3.24 6.73
N ASN B 100 -23.28 4.52 7.05
CA ASN B 100 -24.16 5.23 7.98
C ASN B 100 -25.12 6.04 7.11
N PHE B 101 -26.23 5.42 6.73
CA PHE B 101 -27.25 6.14 5.98
C PHE B 101 -27.69 7.37 6.77
N ARG B 102 -28.47 8.22 6.11
CA ARG B 102 -28.94 9.50 6.67
C ARG B 102 -27.81 10.36 7.22
N LEU B 103 -26.61 10.22 6.65
CA LEU B 103 -25.50 11.06 7.10
C LEU B 103 -25.66 12.49 6.59
N GLY B 104 -25.98 12.65 5.31
CA GLY B 104 -26.21 13.97 4.74
C GLY B 104 -27.65 14.42 4.87
N TRP B 105 -28.30 14.02 5.94
CA TRP B 105 -29.72 14.29 6.14
C TRP B 105 -29.95 15.73 6.58
N ASP B 106 -31.00 16.34 6.04
CA ASP B 106 -31.36 17.71 6.35
C ASP B 106 -32.61 17.74 7.22
N PRO B 107 -32.60 18.45 8.35
CA PRO B 107 -33.80 18.45 9.21
C PRO B 107 -34.98 19.21 8.61
N GLU B 108 -34.73 20.13 7.67
CA GLU B 108 -35.81 20.93 7.11
C GLU B 108 -36.49 20.21 5.94
N THR B 109 -35.70 19.76 4.97
CA THR B 109 -36.26 19.04 3.83
C THR B 109 -36.48 17.57 4.13
N LYS B 110 -35.82 17.03 5.15
CA LYS B 110 -35.96 15.62 5.54
C LYS B 110 -35.56 14.69 4.40
N LEU B 111 -34.56 15.09 3.63
CA LEU B 111 -34.04 14.27 2.54
C LEU B 111 -32.52 14.35 2.56
N ILE B 112 -31.89 13.40 1.88
CA ILE B 112 -30.43 13.36 1.77
C ILE B 112 -30.03 14.35 0.68
N MET B 113 -29.56 15.52 1.09
CA MET B 113 -29.37 16.61 0.14
C MET B 113 -28.26 16.32 -0.87
N PRO B 114 -27.13 15.73 -0.47
CA PRO B 114 -26.08 15.45 -1.46
C PRO B 114 -26.55 14.60 -2.64
N GLY B 115 -27.71 13.96 -2.54
CA GLY B 115 -28.20 13.10 -3.59
C GLY B 115 -27.63 11.70 -3.61
N VAL B 116 -26.66 11.41 -2.74
CA VAL B 116 -26.08 10.09 -2.62
C VAL B 116 -25.79 9.84 -1.14
N TYR B 117 -25.92 8.58 -0.72
CA TYR B 117 -25.53 8.22 0.64
C TYR B 117 -24.02 8.30 0.78
N THR B 118 -23.57 8.76 1.94
CA THR B 118 -22.13 8.92 2.17
C THR B 118 -21.41 7.58 2.04
N TYR B 119 -20.40 7.54 1.18
CA TYR B 119 -19.71 6.31 0.86
C TYR B 119 -18.48 6.13 1.76
N GLU B 120 -18.76 5.97 3.05
CA GLU B 120 -17.75 5.72 4.06
C GLU B 120 -18.18 4.53 4.90
N ALA B 121 -17.22 3.69 5.27
CA ALA B 121 -17.50 2.52 6.08
C ALA B 121 -17.47 2.88 7.55
N PHE B 122 -18.54 2.53 8.26
CA PHE B 122 -18.66 2.78 9.69
C PHE B 122 -18.75 1.49 10.50
N HIS B 123 -19.68 0.61 10.17
CA HIS B 123 -19.87 -0.66 10.86
C HIS B 123 -20.74 -1.56 9.98
N PRO B 124 -20.43 -2.85 9.87
CA PRO B 124 -21.30 -3.73 9.07
C PRO B 124 -22.76 -3.64 9.50
N ASP B 125 -23.65 -3.72 8.51
CA ASP B 125 -25.05 -3.38 8.70
C ASP B 125 -25.92 -4.40 7.99
N ILE B 126 -27.20 -4.42 8.36
CA ILE B 126 -28.20 -5.27 7.74
C ILE B 126 -29.32 -4.36 7.23
N VAL B 127 -29.54 -4.35 5.92
CA VAL B 127 -30.59 -3.57 5.29
C VAL B 127 -31.69 -4.53 4.86
N LEU B 128 -32.95 -4.16 5.15
CA LEU B 128 -34.07 -5.05 4.91
C LEU B 128 -35.24 -4.29 4.28
N LEU B 129 -36.04 -5.02 3.51
CA LEU B 129 -37.34 -4.59 3.02
C LEU B 129 -38.45 -5.27 3.81
N PRO B 130 -39.68 -4.76 3.73
CA PRO B 130 -40.77 -5.40 4.49
C PRO B 130 -40.96 -6.86 4.11
N GLY B 131 -41.15 -7.69 5.13
CA GLY B 131 -41.34 -9.11 4.94
C GLY B 131 -40.09 -9.94 4.96
N CYS B 132 -38.92 -9.33 5.12
CA CYS B 132 -37.64 -10.04 5.11
C CYS B 132 -37.00 -9.99 6.48
N GLY B 133 -35.90 -10.74 6.61
CA GLY B 133 -35.16 -10.79 7.86
C GLY B 133 -34.03 -11.79 7.76
N VAL B 134 -33.20 -11.81 8.80
CA VAL B 134 -32.08 -12.73 8.90
C VAL B 134 -32.13 -13.42 10.24
N ASP B 135 -31.50 -14.60 10.30
CA ASP B 135 -31.48 -15.42 11.51
C ASP B 135 -30.08 -15.95 11.73
N PHE B 136 -29.46 -15.56 12.84
CA PHE B 136 -28.09 -15.97 13.16
C PHE B 136 -28.05 -16.96 14.33
N THR B 137 -29.13 -17.71 14.54
CA THR B 137 -29.16 -18.66 15.65
C THR B 137 -28.12 -19.76 15.45
N GLU B 138 -27.96 -20.24 14.22
CA GLU B 138 -26.96 -21.25 13.92
C GLU B 138 -25.90 -20.68 12.99
N SER B 139 -25.23 -19.60 13.41
CA SER B 139 -24.26 -18.93 12.57
C SER B 139 -23.15 -18.33 13.44
N ARG B 140 -21.98 -18.17 12.83
CA ARG B 140 -20.86 -17.49 13.45
C ARG B 140 -20.50 -16.20 12.72
N LEU B 141 -21.27 -15.82 11.70
CA LEU B 141 -21.02 -14.58 10.97
C LEU B 141 -21.50 -13.35 11.72
N SER B 142 -22.43 -13.51 12.66
CA SER B 142 -22.90 -12.36 13.43
C SER B 142 -21.78 -11.78 14.26
N ASN B 143 -20.89 -12.63 14.78
CA ASN B 143 -19.76 -12.14 15.58
C ASN B 143 -18.75 -11.40 14.71
N LEU B 144 -18.47 -11.92 13.51
CA LEU B 144 -17.54 -11.23 12.62
C LEU B 144 -18.10 -9.88 12.19
N LEU B 145 -19.42 -9.77 12.05
CA LEU B 145 -20.05 -8.50 11.72
C LEU B 145 -20.21 -7.60 12.94
N GLY B 146 -19.85 -8.06 14.13
CA GLY B 146 -19.98 -7.24 15.31
C GLY B 146 -21.40 -6.94 15.71
N ILE B 147 -22.35 -7.81 15.36
CA ILE B 147 -23.75 -7.67 15.72
C ILE B 147 -24.12 -8.86 16.60
N ARG B 148 -24.34 -8.60 17.88
CA ARG B 148 -24.56 -9.67 18.85
C ARG B 148 -25.84 -9.44 19.63
N LYS B 149 -26.31 -10.50 20.28
CA LYS B 149 -27.41 -10.40 21.23
C LYS B 149 -26.91 -9.77 22.52
N ARG B 150 -27.66 -8.81 23.05
CA ARG B 150 -27.23 -8.11 24.26
C ARG B 150 -27.31 -9.03 25.47
N HIS B 151 -28.42 -9.73 25.63
CA HIS B 151 -28.59 -10.70 26.72
C HIS B 151 -29.00 -12.03 26.11
N PRO B 152 -28.21 -13.09 26.27
CA PRO B 152 -28.59 -14.40 25.71
C PRO B 152 -29.18 -15.34 26.76
N GLU B 155 -32.02 -17.59 23.92
CA GLU B 155 -31.93 -18.57 22.84
C GLU B 155 -32.62 -18.04 21.59
N GLY B 156 -31.87 -17.98 20.49
CA GLY B 156 -32.42 -17.50 19.23
C GLY B 156 -31.98 -16.10 18.87
N PHE B 157 -31.56 -15.91 17.61
CA PHE B 157 -31.07 -14.60 17.14
C PHE B 157 -31.65 -14.37 15.75
N LYS B 158 -32.78 -13.67 15.68
CA LYS B 158 -33.44 -13.36 14.43
C LYS B 158 -33.73 -11.87 14.41
N ILE B 159 -33.24 -11.17 13.39
CA ILE B 159 -33.50 -9.76 13.19
C ILE B 159 -34.41 -9.63 11.99
N MET B 160 -35.62 -9.13 12.21
CA MET B 160 -36.63 -9.01 11.16
C MET B 160 -36.86 -7.54 10.84
N TYR B 161 -37.62 -7.32 9.76
CA TYR B 161 -37.92 -5.95 9.36
C TYR B 161 -38.75 -5.23 10.43
N GLU B 162 -39.62 -5.96 11.14
CA GLU B 162 -40.48 -5.34 12.13
C GLU B 162 -39.72 -4.93 13.38
N ASP B 163 -38.56 -5.53 13.63
CA ASP B 163 -37.76 -5.18 14.80
C ASP B 163 -36.91 -3.95 14.61
N LEU B 164 -36.84 -3.41 13.39
CA LEU B 164 -35.99 -2.26 13.09
C LEU B 164 -36.79 -0.97 12.99
N GLU B 165 -37.70 -0.75 13.94
CA GLU B 165 -38.49 0.48 13.95
C GLU B 165 -37.60 1.68 14.18
N GLY B 166 -37.77 2.72 13.36
CA GLY B 166 -36.96 3.91 13.45
C GLY B 166 -35.70 3.87 12.63
N GLY B 167 -35.43 2.78 11.93
CA GLY B 167 -34.21 2.65 11.15
C GLY B 167 -34.44 2.75 9.66
N ASN B 168 -35.55 3.39 9.26
CA ASN B 168 -35.83 3.58 7.84
C ASN B 168 -34.76 4.46 7.20
N ILE B 169 -34.33 4.07 6.01
CA ILE B 169 -33.33 4.82 5.25
C ILE B 169 -34.02 6.00 4.59
N PRO B 170 -33.58 7.24 4.82
CA PRO B 170 -34.22 8.38 4.17
C PRO B 170 -34.01 8.38 2.66
N ALA B 171 -34.96 8.97 1.95
CA ALA B 171 -34.86 9.08 0.50
C ALA B 171 -33.84 10.15 0.12
N LEU B 172 -33.24 9.97 -1.05
CA LEU B 172 -32.26 10.91 -1.58
C LEU B 172 -32.96 12.02 -2.36
N LEU B 173 -32.31 13.18 -2.42
CA LEU B 173 -32.85 14.30 -3.16
C LEU B 173 -32.71 14.05 -4.67
N ASP B 174 -33.69 14.56 -5.42
CA ASP B 174 -33.63 14.54 -6.88
C ASP B 174 -32.80 15.74 -7.31
N VAL B 175 -31.47 15.57 -7.33
CA VAL B 175 -30.58 16.70 -7.60
C VAL B 175 -30.75 17.18 -9.03
N THR B 176 -31.12 16.29 -9.95
CA THR B 176 -31.43 16.72 -11.31
C THR B 176 -32.60 17.69 -11.32
N ALA B 177 -33.51 17.57 -10.35
CA ALA B 177 -34.71 18.40 -10.30
C ALA B 177 -34.49 19.69 -9.54
N TYR B 178 -33.85 19.63 -8.36
CA TYR B 178 -33.57 20.85 -7.60
C TYR B 178 -32.75 21.83 -8.43
N GLU B 179 -31.94 21.31 -9.37
CA GLU B 179 -31.16 22.15 -10.26
C GLU B 179 -31.89 22.45 -11.57
N GLU B 180 -33.21 22.32 -11.59
CA GLU B 180 -34.04 22.79 -12.69
C GLU B 180 -34.66 24.14 -12.38
N SER B 181 -34.20 24.83 -11.34
CA SER B 181 -34.72 26.13 -10.96
C SER B 181 -33.69 26.87 -10.11
N LEU B 195 -37.52 26.68 -5.82
CA LEU B 195 -36.72 25.47 -5.75
C LEU B 195 -37.62 24.26 -5.53
N LYS B 196 -37.43 23.22 -6.34
CA LYS B 196 -38.25 22.01 -6.28
C LYS B 196 -37.49 20.94 -5.51
N ILE B 197 -37.85 20.77 -4.24
CA ILE B 197 -37.28 19.73 -3.41
C ILE B 197 -38.19 18.51 -3.49
N GLN B 198 -37.67 17.40 -4.03
CA GLN B 198 -38.42 16.17 -4.16
C GLN B 198 -37.47 15.00 -4.01
N PRO B 199 -37.95 13.84 -3.57
CA PRO B 199 -37.09 12.65 -3.50
C PRO B 199 -36.92 11.98 -4.85
N LEU B 200 -35.87 11.16 -4.95
CA LEU B 200 -35.58 10.42 -6.17
C LEU B 200 -36.27 9.06 -6.09
N GLU B 201 -37.11 8.78 -7.09
CA GLU B 201 -37.97 7.59 -7.06
C GLU B 201 -37.36 6.39 -7.78
N LYS B 202 -36.35 6.59 -8.61
CA LYS B 202 -35.76 5.48 -9.36
C LYS B 202 -34.28 5.76 -9.58
N ASP B 203 -33.55 4.71 -9.95
CA ASP B 203 -32.11 4.82 -10.21
C ASP B 203 -31.89 5.07 -11.70
N SER B 204 -30.64 4.98 -12.15
CA SER B 204 -30.34 5.24 -13.55
C SER B 204 -30.93 4.17 -14.46
N LYS B 205 -30.93 2.91 -14.00
CA LYS B 205 -31.44 1.78 -14.77
C LYS B 205 -32.91 1.48 -14.48
N SER B 206 -33.67 2.47 -14.02
CA SER B 206 -35.09 2.33 -13.76
C SER B 206 -35.36 1.21 -12.76
N ARG B 207 -34.68 1.29 -11.62
CA ARG B 207 -34.96 0.43 -10.47
C ARG B 207 -35.61 1.30 -9.39
N SER B 208 -36.77 0.85 -8.89
CA SER B 208 -37.49 1.62 -7.89
C SER B 208 -36.65 1.75 -6.62
N TYR B 209 -36.55 2.98 -6.11
CA TYR B 209 -35.92 3.22 -4.83
C TYR B 209 -36.86 2.96 -3.65
N ASN B 210 -38.10 2.53 -3.93
CA ASN B 210 -39.07 2.17 -2.90
C ASN B 210 -39.35 3.34 -1.95
N VAL B 211 -39.58 4.51 -2.54
CA VAL B 211 -39.97 5.67 -1.76
C VAL B 211 -41.41 5.52 -1.31
N LEU B 212 -41.71 5.94 -0.09
CA LEU B 212 -43.00 5.69 0.52
C LEU B 212 -43.93 6.89 0.33
N GLU B 213 -45.17 6.73 0.81
CA GLU B 213 -46.17 7.77 0.62
C GLU B 213 -45.78 9.07 1.28
N ASP B 214 -45.05 9.01 2.40
CA ASP B 214 -44.59 10.22 3.07
C ASP B 214 -43.63 11.03 2.20
N LYS B 215 -43.03 10.40 1.20
CA LYS B 215 -42.14 11.07 0.24
C LYS B 215 -40.91 11.67 0.93
N ILE B 216 -40.48 11.07 2.04
CA ILE B 216 -39.27 11.50 2.72
C ILE B 216 -38.41 10.28 3.06
N ASN B 217 -39.05 9.15 3.31
CA ASN B 217 -38.36 7.93 3.72
C ASN B 217 -38.45 6.87 2.64
N THR B 218 -37.70 5.80 2.86
CA THR B 218 -37.59 4.68 1.94
C THR B 218 -38.05 3.40 2.64
N ALA B 219 -38.52 2.44 1.84
CA ALA B 219 -38.99 1.19 2.42
C ALA B 219 -37.87 0.37 3.05
N TYR B 220 -36.62 0.62 2.68
CA TYR B 220 -35.50 -0.10 3.27
C TYR B 220 -35.32 0.30 4.72
N ARG B 221 -35.07 -0.68 5.58
CA ARG B 221 -34.70 -0.44 6.97
C ARG B 221 -33.34 -1.04 7.24
N SER B 222 -32.56 -0.38 8.09
CA SER B 222 -31.22 -0.83 8.43
C SER B 222 -31.07 -0.96 9.94
N TRP B 223 -30.30 -1.97 10.36
CA TRP B 223 -30.06 -2.20 11.77
C TRP B 223 -29.25 -1.06 12.40
N TYR B 224 -28.34 -0.45 11.64
CA TYR B 224 -27.48 0.58 12.20
C TYR B 224 -28.27 1.85 12.51
N LEU B 225 -29.25 2.19 11.67
CA LEU B 225 -30.05 3.38 11.93
C LEU B 225 -31.00 3.17 13.10
N SER B 226 -31.63 1.99 13.18
CA SER B 226 -32.52 1.69 14.28
C SER B 226 -31.75 1.58 15.60
N TYR B 227 -30.50 1.11 15.54
CA TYR B 227 -29.71 0.97 16.75
C TYR B 227 -29.28 2.33 17.30
N ASN B 228 -28.94 3.26 16.41
CA ASN B 228 -28.44 4.56 16.82
C ASN B 228 -29.50 5.65 16.86
N TYR B 229 -30.48 5.61 15.96
CA TYR B 229 -31.48 6.66 15.86
C TYR B 229 -32.88 6.22 16.28
N GLY B 230 -33.08 4.95 16.58
CA GLY B 230 -34.35 4.46 17.06
C GLY B 230 -34.55 4.76 18.53
N ASN B 231 -35.58 4.15 19.09
CA ASN B 231 -35.85 4.31 20.52
C ASN B 231 -34.75 3.60 21.30
N PRO B 232 -34.02 4.31 22.19
CA PRO B 232 -32.88 3.66 22.86
C PRO B 232 -33.27 2.53 23.80
N GLU B 233 -34.51 2.52 24.32
CA GLU B 233 -34.92 1.53 25.31
C GLU B 233 -36.07 0.65 24.83
N LYS B 234 -36.43 0.72 23.55
CA LYS B 234 -37.51 -0.12 23.03
C LYS B 234 -37.24 -0.67 21.63
N GLY B 235 -36.34 -0.08 20.86
CA GLY B 235 -36.05 -0.53 19.51
C GLY B 235 -35.09 -1.70 19.49
N ILE B 236 -34.32 -1.78 18.40
CA ILE B 236 -33.41 -2.89 18.22
C ILE B 236 -32.23 -2.81 19.19
N ARG B 237 -31.96 -1.63 19.74
CA ARG B 237 -30.83 -1.49 20.65
C ARG B 237 -31.08 -2.18 21.98
N SER B 238 -32.34 -2.38 22.35
CA SER B 238 -32.66 -2.95 23.67
C SER B 238 -32.24 -4.40 23.81
N TRP B 239 -32.01 -5.10 22.69
CA TRP B 239 -31.63 -6.51 22.77
C TRP B 239 -30.53 -6.89 21.77
N THR B 240 -29.90 -5.94 21.10
CA THR B 240 -28.71 -6.19 20.29
C THR B 240 -27.58 -5.30 20.78
N LEU B 241 -26.36 -5.62 20.33
CA LEU B 241 -25.17 -4.91 20.76
C LEU B 241 -24.24 -4.69 19.58
N LEU B 242 -23.73 -3.47 19.45
CA LEU B 242 -22.71 -3.15 18.47
C LEU B 242 -21.34 -3.41 19.06
N THR B 243 -20.54 -4.22 18.38
CA THR B 243 -19.19 -4.54 18.82
C THR B 243 -18.23 -4.37 17.64
N THR B 244 -16.94 -4.50 17.94
CA THR B 244 -15.90 -4.37 16.92
C THR B 244 -15.84 -5.60 16.03
N HIS B 283 -17.56 -6.52 -12.11
CA HIS B 283 -17.36 -7.19 -10.83
C HIS B 283 -18.63 -7.91 -10.38
N VAL B 284 -18.48 -9.18 -9.97
CA VAL B 284 -19.63 -9.94 -9.50
C VAL B 284 -20.12 -9.38 -8.17
N PHE B 285 -19.24 -8.73 -7.41
CA PHE B 285 -19.60 -8.14 -6.12
C PHE B 285 -20.07 -6.70 -6.26
N ASN B 286 -20.41 -6.25 -7.47
CA ASN B 286 -21.02 -4.95 -7.67
C ASN B 286 -21.88 -5.04 -8.94
N ARG B 287 -23.01 -5.74 -8.82
CA ARG B 287 -23.91 -5.94 -9.94
C ARG B 287 -24.83 -4.76 -10.20
N PHE B 288 -24.94 -3.82 -9.26
CA PHE B 288 -25.84 -2.68 -9.39
C PHE B 288 -25.06 -1.40 -9.12
N PRO B 289 -24.18 -1.00 -10.04
CA PRO B 289 -23.37 0.21 -9.79
C PRO B 289 -24.19 1.49 -9.69
N GLU B 290 -25.39 1.51 -10.25
CA GLU B 290 -26.21 2.72 -10.23
C GLU B 290 -27.07 2.83 -8.97
N ASN B 291 -27.48 1.70 -8.40
CA ASN B 291 -28.41 1.72 -7.27
C ASN B 291 -27.67 2.12 -5.99
N GLN B 292 -28.13 3.18 -5.34
CA GLN B 292 -27.46 3.67 -4.14
C GLN B 292 -27.70 2.78 -2.94
N ILE B 293 -28.71 1.92 -2.98
CA ILE B 293 -28.95 0.99 -1.87
C ILE B 293 -28.21 -0.33 -2.09
N LEU B 294 -28.21 -0.83 -3.31
CA LEU B 294 -27.57 -2.11 -3.64
C LEU B 294 -26.11 -1.95 -4.07
N ILE B 295 -25.58 -0.74 -4.04
CA ILE B 295 -24.18 -0.54 -4.40
C ILE B 295 -23.28 -1.36 -3.49
N ARG B 296 -22.10 -1.71 -3.98
CA ARG B 296 -21.14 -2.45 -3.19
C ARG B 296 -20.73 -1.61 -1.97
N PRO B 297 -20.81 -2.15 -0.76
CA PRO B 297 -20.52 -1.34 0.42
C PRO B 297 -19.07 -0.90 0.42
N PRO B 298 -18.79 0.28 0.97
CA PRO B 298 -17.38 0.71 1.05
C PRO B 298 -16.59 -0.13 2.03
N ALA B 299 -15.28 -0.20 1.79
CA ALA B 299 -14.40 -1.00 2.64
C ALA B 299 -13.71 -0.11 3.67
N PRO B 300 -13.51 -0.61 4.90
CA PRO B 300 -12.81 0.20 5.91
C PRO B 300 -11.39 0.52 5.46
N THR B 301 -10.95 1.74 5.74
CA THR B 301 -9.62 2.19 5.36
C THR B 301 -8.69 2.16 6.57
N ASN C 12 -27.29 3.23 31.98
CA ASN C 12 -25.84 3.00 31.98
C ASN C 12 -25.45 2.06 30.83
N GLU C 13 -26.14 0.91 30.75
CA GLU C 13 -25.84 -0.06 29.71
C GLU C 13 -26.22 0.48 28.33
N TYR C 14 -27.37 1.14 28.23
CA TYR C 14 -27.86 1.68 26.98
C TYR C 14 -27.52 3.15 26.80
N MET C 15 -26.73 3.73 27.70
CA MET C 15 -26.34 5.13 27.59
C MET C 15 -25.42 5.32 26.40
N PHE C 16 -25.61 6.44 25.70
CA PHE C 16 -24.74 6.76 24.57
C PHE C 16 -23.34 7.11 25.09
N SER C 17 -22.32 6.50 24.48
CA SER C 17 -20.96 6.68 24.94
C SER C 17 -20.25 7.87 24.29
N ASN C 18 -20.48 8.10 23.00
CA ASN C 18 -19.80 9.15 22.26
C ASN C 18 -20.69 10.39 22.24
N LYS C 19 -20.54 11.23 23.26
CA LYS C 19 -21.30 12.47 23.35
C LYS C 19 -20.46 13.54 24.03
N PHE C 20 -20.84 14.78 23.81
CA PHE C 20 -20.17 15.93 24.42
C PHE C 20 -21.15 17.10 24.43
N LYS C 21 -20.82 18.12 25.21
CA LYS C 21 -21.62 19.33 25.29
C LYS C 21 -20.82 20.51 24.72
N ALA C 22 -21.50 21.42 24.05
CA ALA C 22 -20.86 22.60 23.49
C ALA C 22 -21.86 23.74 23.41
N ARG C 23 -21.33 24.95 23.37
CA ARG C 23 -22.13 26.18 23.28
C ARG C 23 -21.87 26.80 21.91
N VAL C 24 -22.94 26.96 21.12
CA VAL C 24 -22.84 27.46 19.77
C VAL C 24 -23.82 28.62 19.60
N MET C 25 -23.82 29.21 18.40
CA MET C 25 -24.71 30.31 18.08
C MET C 25 -26.04 29.78 17.59
N VAL C 26 -27.12 30.37 18.09
CA VAL C 26 -28.49 29.94 17.78
C VAL C 26 -29.23 31.00 16.97
N SER C 27 -29.15 32.26 17.39
CA SER C 27 -29.90 33.34 16.76
C SER C 27 -28.95 34.45 16.32
N ARG C 28 -29.21 34.98 15.13
CA ARG C 28 -28.46 36.12 14.60
C ARG C 28 -29.47 37.06 13.95
N LYS C 29 -29.69 38.22 14.56
CA LYS C 29 -30.65 39.20 14.05
C LYS C 29 -30.15 40.62 14.28
N ASP C 45 -26.23 44.25 15.42
CA ASP C 45 -26.80 42.92 15.62
C ASP C 45 -26.38 42.31 16.94
N ILE C 46 -27.34 41.78 17.68
CA ILE C 46 -27.10 41.09 18.94
C ILE C 46 -27.21 39.60 18.70
N LEU C 47 -26.23 38.84 19.19
CA LEU C 47 -26.12 37.41 18.94
C LEU C 47 -26.37 36.63 20.23
N LYS C 48 -27.12 35.54 20.12
CA LYS C 48 -27.47 34.70 21.26
C LYS C 48 -26.85 33.32 21.09
N TYR C 49 -26.39 32.76 22.20
CA TYR C 49 -25.75 31.45 22.23
C TYR C 49 -26.42 30.58 23.29
N GLU C 50 -26.28 29.26 23.13
CA GLU C 50 -26.90 28.33 24.05
C GLU C 50 -26.13 27.02 24.03
N TRP C 51 -26.23 26.28 25.14
CA TRP C 51 -25.58 24.98 25.25
C TRP C 51 -26.44 23.89 24.62
N PHE C 52 -25.78 22.88 24.08
CA PHE C 52 -26.43 21.70 23.54
C PHE C 52 -25.59 20.48 23.89
N GLU C 53 -26.22 19.31 23.83
CA GLU C 53 -25.52 18.03 23.99
C GLU C 53 -25.54 17.32 22.64
N PHE C 54 -24.35 17.01 22.12
CA PHE C 54 -24.21 16.36 20.82
C PHE C 54 -23.87 14.89 21.04
N ILE C 55 -24.57 14.01 20.32
CA ILE C 55 -24.40 12.57 20.45
C ILE C 55 -23.94 12.02 19.11
N LEU C 56 -22.96 11.13 19.15
CA LEU C 56 -22.41 10.48 17.98
C LEU C 56 -22.93 9.04 17.89
N PRO C 57 -22.96 8.46 16.69
CA PRO C 57 -23.27 7.03 16.59
C PRO C 57 -22.23 6.19 17.33
N GLU C 58 -22.71 5.12 17.95
CA GLU C 58 -21.85 4.23 18.73
C GLU C 58 -20.85 3.49 17.84
N GLY C 59 -19.74 3.11 18.44
CA GLY C 59 -18.63 2.46 17.76
C GLY C 59 -17.32 2.86 18.41
N ASN C 60 -16.28 2.13 18.07
CA ASN C 60 -14.93 2.51 18.48
C ASN C 60 -14.21 3.08 17.24
N PHE C 61 -14.19 4.41 17.16
CA PHE C 61 -13.63 5.11 16.02
C PHE C 61 -12.25 5.67 16.37
N SER C 62 -11.45 5.90 15.34
CA SER C 62 -10.15 6.55 15.52
C SER C 62 -10.34 8.03 15.83
N ALA C 63 -9.24 8.74 16.08
CA ALA C 63 -9.35 10.17 16.35
C ALA C 63 -9.74 10.94 15.09
N THR C 64 -9.23 10.51 13.93
CA THR C 64 -9.58 11.18 12.68
C THR C 64 -11.05 11.02 12.36
N MET C 65 -11.56 9.78 12.48
CA MET C 65 -12.95 9.50 12.15
C MET C 65 -13.89 10.09 13.20
N THR C 66 -13.44 10.20 14.45
CA THR C 66 -14.26 10.83 15.47
C THR C 66 -14.41 12.32 15.23
N ILE C 67 -13.33 12.98 14.80
CA ILE C 67 -13.38 14.42 14.55
C ILE C 67 -14.39 14.72 13.46
N ASP C 68 -14.49 13.87 12.45
CA ASP C 68 -15.46 14.08 11.38
C ASP C 68 -16.89 13.95 11.88
N LEU C 69 -17.13 13.05 12.84
CA LEU C 69 -18.47 12.89 13.38
C LEU C 69 -18.83 14.03 14.32
N MET C 70 -17.86 14.58 15.05
CA MET C 70 -18.14 15.69 15.94
C MET C 70 -18.46 16.96 15.15
N ASN C 71 -17.75 17.17 14.04
CA ASN C 71 -18.07 18.32 13.18
C ASN C 71 -19.44 18.15 12.55
N ASN C 72 -19.79 16.92 12.17
CA ASN C 72 -21.12 16.69 11.59
C ASN C 72 -22.22 16.96 12.59
N ALA C 73 -21.99 16.68 13.87
CA ALA C 73 -22.98 16.97 14.89
C ALA C 73 -23.17 18.47 15.07
N ILE C 74 -22.07 19.23 15.04
CA ILE C 74 -22.17 20.68 15.16
C ILE C 74 -22.94 21.25 13.96
N ILE C 75 -22.62 20.78 12.76
CA ILE C 75 -23.27 21.31 11.56
C ILE C 75 -24.73 20.86 11.50
N ASP C 76 -25.00 19.62 11.92
CA ASP C 76 -26.40 19.16 11.96
C ASP C 76 -27.22 20.01 12.92
N ASN C 77 -26.60 20.53 13.99
CA ASN C 77 -27.30 21.46 14.87
C ASN C 77 -27.49 22.81 14.20
N TYR C 78 -26.50 23.26 13.45
CA TYR C 78 -26.65 24.51 12.70
C TYR C 78 -27.76 24.40 11.66
N LEU C 79 -27.93 23.22 11.06
CA LEU C 79 -28.96 23.05 10.05
C LEU C 79 -30.35 22.98 10.67
N GLU C 80 -30.45 22.74 11.97
CA GLU C 80 -31.73 22.67 12.66
C GLU C 80 -31.98 23.95 13.46
N ILE C 81 -31.25 24.10 14.56
CA ILE C 81 -31.31 25.32 15.37
C ILE C 81 -30.25 26.27 14.85
N GLY C 82 -30.68 27.36 14.23
CA GLY C 82 -29.80 28.19 13.43
C GLY C 82 -30.03 27.92 11.95
N ARG C 83 -29.31 28.68 11.13
CA ARG C 83 -29.55 28.67 9.68
C ARG C 83 -30.93 29.24 9.37
N GLN C 84 -31.95 28.74 10.06
CA GLN C 84 -33.30 29.31 9.96
C GLN C 84 -33.41 30.64 10.68
N ASN C 85 -32.43 30.99 11.52
CA ASN C 85 -32.50 32.17 12.38
C ASN C 85 -31.41 33.18 12.05
N GLY C 86 -30.80 33.08 10.87
CA GLY C 86 -29.93 34.13 10.39
C GLY C 86 -28.46 33.99 10.72
N VAL C 87 -28.05 32.89 11.34
CA VAL C 87 -26.63 32.68 11.62
C VAL C 87 -25.93 32.23 10.35
N LEU C 88 -24.74 32.74 10.12
CA LEU C 88 -24.00 32.47 8.90
C LEU C 88 -23.03 31.31 9.10
N GLU C 89 -22.61 30.73 7.97
CA GLU C 89 -21.55 29.72 8.00
C GLU C 89 -20.24 30.31 8.46
N SER C 90 -20.14 31.65 8.44
CA SER C 90 -18.99 32.33 9.07
C SER C 90 -19.02 32.17 10.59
N ASP C 91 -20.21 32.17 11.16
CA ASP C 91 -20.42 32.17 12.61
C ASP C 91 -20.81 30.78 13.10
N ILE C 92 -19.98 29.79 12.79
CA ILE C 92 -20.27 28.39 13.15
C ILE C 92 -19.75 28.14 14.57
N GLY C 93 -18.47 28.36 14.78
CA GLY C 93 -17.95 28.61 16.12
C GLY C 93 -17.47 27.43 16.95
N VAL C 94 -17.66 26.21 16.47
CA VAL C 94 -17.08 25.02 17.04
C VAL C 94 -16.59 24.19 15.86
N LYS C 95 -15.29 24.07 15.72
CA LYS C 95 -14.68 23.21 14.71
C LYS C 95 -13.52 22.44 15.33
N PHE C 96 -13.47 21.14 15.07
CA PHE C 96 -12.42 20.27 15.56
C PHE C 96 -11.45 20.00 14.42
N ASP C 97 -10.20 20.41 14.60
CA ASP C 97 -9.19 20.38 13.55
C ASP C 97 -7.98 19.59 14.02
N THR C 98 -7.00 19.45 13.12
CA THR C 98 -5.74 18.80 13.43
C THR C 98 -4.53 19.60 13.00
N ARG C 99 -4.72 20.78 12.43
CA ARG C 99 -3.63 21.55 11.86
C ARG C 99 -2.98 22.45 12.90
N ASN C 100 -1.76 22.89 12.59
CA ASN C 100 -1.04 23.89 13.37
C ASN C 100 -1.15 25.21 12.62
N PHE C 101 -2.21 25.98 12.91
CA PHE C 101 -2.34 27.30 12.33
C PHE C 101 -1.11 28.14 12.66
N ARG C 102 -1.00 29.27 11.98
CA ARG C 102 0.14 30.18 12.06
C ARG C 102 1.47 29.51 11.72
N LEU C 103 1.45 28.40 10.99
CA LEU C 103 2.71 27.78 10.57
C LEU C 103 3.43 28.68 9.56
N GLY C 104 2.73 29.13 8.53
CA GLY C 104 3.33 30.01 7.54
C GLY C 104 3.31 31.47 7.95
N TRP C 105 3.34 31.71 9.25
CA TRP C 105 3.25 33.07 9.78
C TRP C 105 4.59 33.78 9.64
N ASP C 106 4.53 35.09 9.36
CA ASP C 106 5.70 35.92 9.16
C ASP C 106 5.83 36.90 10.32
N PRO C 107 7.01 37.01 10.95
CA PRO C 107 7.13 37.91 12.11
C PRO C 107 7.05 39.38 11.75
N GLU C 108 7.22 39.74 10.49
CA GLU C 108 7.17 41.14 10.07
C GLU C 108 5.78 41.55 9.61
N THR C 109 5.20 40.81 8.65
CA THR C 109 3.88 41.13 8.15
C THR C 109 2.77 40.60 9.04
N LYS C 110 3.07 39.61 9.90
CA LYS C 110 2.10 39.07 10.84
C LYS C 110 0.92 38.42 10.11
N LEU C 111 1.18 37.80 8.96
CA LEU C 111 0.16 37.13 8.18
C LEU C 111 0.72 35.80 7.69
N ILE C 112 -0.17 34.96 7.17
CA ILE C 112 0.20 33.66 6.60
C ILE C 112 0.58 33.91 5.15
N MET C 113 1.88 34.00 4.89
CA MET C 113 2.33 34.38 3.55
C MET C 113 1.92 33.38 2.48
N PRO C 114 1.96 32.06 2.71
CA PRO C 114 1.52 31.13 1.65
C PRO C 114 0.05 31.31 1.25
N GLY C 115 -0.73 32.06 2.02
CA GLY C 115 -2.13 32.27 1.70
C GLY C 115 -3.06 31.17 2.17
N VAL C 116 -2.52 30.02 2.58
CA VAL C 116 -3.32 28.91 3.10
C VAL C 116 -2.61 28.37 4.33
N TYR C 117 -3.39 27.98 5.34
CA TYR C 117 -2.83 27.30 6.49
C TYR C 117 -2.23 25.96 6.07
N THR C 118 -1.12 25.59 6.68
CA THR C 118 -0.43 24.37 6.30
C THR C 118 -1.34 23.16 6.55
N TYR C 119 -1.45 22.30 5.55
CA TYR C 119 -2.39 21.17 5.58
C TYR C 119 -1.67 19.89 6.02
N GLU C 120 -1.12 19.95 7.23
CA GLU C 120 -0.44 18.81 7.86
C GLU C 120 -1.09 18.56 9.22
N ALA C 121 -1.26 17.28 9.55
CA ALA C 121 -1.89 16.89 10.81
C ALA C 121 -0.85 16.85 11.92
N PHE C 122 -1.12 17.57 13.02
CA PHE C 122 -0.22 17.64 14.16
C PHE C 122 -0.83 17.00 15.40
N HIS C 123 -2.00 17.46 15.81
CA HIS C 123 -2.68 16.98 17.01
C HIS C 123 -4.11 17.51 16.98
N PRO C 124 -5.11 16.69 17.32
CA PRO C 124 -6.49 17.20 17.32
C PRO C 124 -6.61 18.49 18.11
N ASP C 125 -7.48 19.39 17.61
CA ASP C 125 -7.55 20.76 18.11
C ASP C 125 -9.01 21.20 18.21
N ILE C 126 -9.23 22.25 18.99
CA ILE C 126 -10.55 22.84 19.18
C ILE C 126 -10.47 24.28 18.71
N VAL C 127 -11.33 24.65 17.77
CA VAL C 127 -11.38 26.02 17.23
C VAL C 127 -12.70 26.64 17.66
N LEU C 128 -12.64 27.85 18.21
CA LEU C 128 -13.80 28.50 18.78
C LEU C 128 -13.91 29.96 18.34
N LEU C 129 -15.14 30.44 18.23
CA LEU C 129 -15.48 31.83 18.03
C LEU C 129 -16.01 32.43 19.33
N PRO C 130 -16.05 33.76 19.44
CA PRO C 130 -16.50 34.37 20.70
C PRO C 130 -17.89 33.90 21.09
N GLY C 131 -18.06 33.60 22.37
CA GLY C 131 -19.32 33.14 22.90
C GLY C 131 -19.53 31.64 22.87
N CYS C 132 -18.58 30.90 22.30
CA CYS C 132 -18.70 29.45 22.14
C CYS C 132 -17.75 28.73 23.09
N GLY C 133 -17.89 27.41 23.13
CA GLY C 133 -17.06 26.60 23.99
C GLY C 133 -17.52 25.17 23.96
N VAL C 134 -16.68 24.31 24.54
CA VAL C 134 -16.96 22.88 24.63
C VAL C 134 -16.79 22.45 26.08
N ASP C 135 -17.48 21.37 26.43
CA ASP C 135 -17.47 20.84 27.80
C ASP C 135 -17.39 19.33 27.72
N PHE C 136 -16.34 18.76 28.33
CA PHE C 136 -16.12 17.32 28.34
C PHE C 136 -16.25 16.72 29.74
N THR C 137 -17.07 17.35 30.60
CA THR C 137 -17.24 16.83 31.95
C THR C 137 -17.88 15.45 31.92
N GLU C 138 -18.89 15.25 31.07
CA GLU C 138 -19.54 13.96 30.91
C GLU C 138 -19.22 13.37 29.55
N SER C 139 -17.93 13.22 29.24
CA SER C 139 -17.52 12.75 27.92
C SER C 139 -16.17 12.06 28.00
N ARG C 140 -16.01 10.99 27.22
CA ARG C 140 -14.75 10.28 27.07
C ARG C 140 -14.05 10.61 25.77
N LEU C 141 -14.54 11.61 25.03
CA LEU C 141 -13.93 11.98 23.76
C LEU C 141 -12.69 12.85 23.93
N SER C 142 -12.51 13.46 25.10
CA SER C 142 -11.30 14.25 25.33
C SER C 142 -10.06 13.35 25.42
N ASN C 143 -10.22 12.13 25.94
CA ASN C 143 -9.10 11.20 25.97
C ASN C 143 -8.71 10.77 24.56
N LEU C 144 -9.69 10.54 23.70
CA LEU C 144 -9.39 10.14 22.32
C LEU C 144 -8.78 11.29 21.54
N LEU C 145 -9.08 12.54 21.92
CA LEU C 145 -8.50 13.71 21.27
C LEU C 145 -7.17 14.13 21.91
N GLY C 146 -6.67 13.36 22.88
CA GLY C 146 -5.40 13.69 23.49
C GLY C 146 -5.39 14.98 24.26
N ILE C 147 -6.54 15.45 24.72
CA ILE C 147 -6.67 16.67 25.50
C ILE C 147 -7.15 16.27 26.88
N ARG C 148 -6.28 16.39 27.88
CA ARG C 148 -6.60 15.94 29.23
C ARG C 148 -6.34 17.07 30.22
N LYS C 149 -6.92 16.92 31.41
CA LYS C 149 -6.70 17.88 32.48
C LYS C 149 -5.35 17.62 33.14
N ARG C 150 -4.59 18.69 33.37
CA ARG C 150 -3.30 18.55 34.03
C ARG C 150 -3.44 18.34 35.53
N HIS C 151 -4.62 18.60 36.10
CA HIS C 151 -4.82 18.49 37.54
C HIS C 151 -6.14 17.77 37.81
N PRO C 152 -6.11 16.63 38.53
CA PRO C 152 -7.37 16.06 39.03
C PRO C 152 -8.07 16.97 40.04
N PHE C 153 -7.45 18.11 40.36
CA PHE C 153 -8.07 19.06 41.27
C PHE C 153 -9.43 19.50 40.75
N GLN C 154 -9.55 19.66 39.43
CA GLN C 154 -10.79 20.11 38.81
C GLN C 154 -11.73 18.93 38.59
N GLU C 155 -13.00 19.12 38.95
CA GLU C 155 -14.03 18.12 38.73
C GLU C 155 -14.74 18.30 37.39
N GLY C 156 -14.55 19.45 36.73
CA GLY C 156 -15.14 19.70 35.43
C GLY C 156 -14.06 19.98 34.38
N PHE C 157 -14.49 19.93 33.11
CA PHE C 157 -13.60 20.13 31.96
C PHE C 157 -14.38 20.93 30.91
N LYS C 158 -14.37 22.25 31.06
CA LYS C 158 -15.00 23.16 30.12
C LYS C 158 -13.94 24.05 29.50
N ILE C 159 -13.92 24.13 28.17
CA ILE C 159 -12.98 24.95 27.42
C ILE C 159 -13.79 25.98 26.64
N MET C 160 -13.72 27.23 27.05
CA MET C 160 -14.48 28.30 26.43
C MET C 160 -13.55 29.17 25.57
N TYR C 161 -14.18 30.09 24.83
CA TYR C 161 -13.41 31.02 24.01
C TYR C 161 -12.58 31.98 24.86
N GLU C 162 -13.06 32.29 26.07
CA GLU C 162 -12.34 33.20 26.95
C GLU C 162 -11.13 32.57 27.60
N ASP C 163 -10.99 31.25 27.55
CA ASP C 163 -9.85 30.56 28.13
C ASP C 163 -8.71 30.34 27.13
N LEU C 164 -8.91 30.69 25.87
CA LEU C 164 -7.90 30.50 24.83
C LEU C 164 -7.18 31.80 24.49
N GLU C 165 -6.88 32.62 25.49
CA GLU C 165 -6.20 33.88 25.24
C GLU C 165 -4.83 33.64 24.62
N GLY C 166 -4.53 34.40 23.58
CA GLY C 166 -3.28 34.27 22.87
C GLY C 166 -3.26 33.22 21.79
N GLY C 167 -4.40 32.59 21.51
CA GLY C 167 -4.45 31.55 20.50
C GLY C 167 -5.23 31.94 19.27
N ASN C 168 -5.27 33.24 18.97
CA ASN C 168 -5.97 33.69 17.77
C ASN C 168 -5.26 33.20 16.52
N ILE C 169 -6.05 32.71 15.57
CA ILE C 169 -5.52 32.19 14.31
C ILE C 169 -5.18 33.36 13.40
N PRO C 170 -3.92 33.53 13.00
CA PRO C 170 -3.59 34.65 12.11
C PRO C 170 -4.32 34.57 10.78
N ALA C 171 -4.48 35.72 10.15
CA ALA C 171 -5.18 35.81 8.88
C ALA C 171 -4.25 35.44 7.73
N LEU C 172 -4.86 35.10 6.60
CA LEU C 172 -4.12 34.72 5.41
C LEU C 172 -3.82 35.95 4.56
N LEU C 173 -2.77 35.86 3.76
CA LEU C 173 -2.38 36.94 2.87
C LEU C 173 -3.00 36.70 1.48
N ASP C 174 -2.51 37.39 0.47
CA ASP C 174 -3.01 37.23 -0.90
C ASP C 174 -1.89 36.83 -1.84
N ILE C 197 -0.12 43.45 0.45
CA ILE C 197 0.07 43.14 1.86
C ILE C 197 -1.18 43.50 2.65
N GLN C 198 -2.21 42.66 2.55
CA GLN C 198 -3.48 42.86 3.24
C GLN C 198 -4.08 41.51 3.58
N PRO C 199 -4.76 41.38 4.71
CA PRO C 199 -5.34 40.09 5.07
C PRO C 199 -6.60 39.78 4.26
N LEU C 200 -6.79 38.49 3.99
CA LEU C 200 -7.96 38.02 3.25
C LEU C 200 -9.17 38.06 4.16
N GLU C 201 -10.21 38.79 3.75
CA GLU C 201 -11.38 39.02 4.60
C GLU C 201 -12.54 38.08 4.29
N LYS C 202 -12.49 37.33 3.20
CA LYS C 202 -13.57 36.43 2.85
C LYS C 202 -13.01 35.21 2.13
N ASP C 203 -13.81 34.15 2.10
CA ASP C 203 -13.39 32.90 1.46
C ASP C 203 -13.65 32.99 -0.05
N SER C 204 -13.49 31.88 -0.74
CA SER C 204 -13.70 31.86 -2.19
C SER C 204 -15.18 31.98 -2.53
N LYS C 205 -16.05 31.37 -1.71
CA LYS C 205 -17.49 31.45 -1.90
C LYS C 205 -18.12 32.60 -1.13
N SER C 206 -17.35 33.66 -0.87
CA SER C 206 -17.84 34.85 -0.17
C SER C 206 -18.36 34.51 1.23
N ARG C 207 -17.49 33.88 2.01
CA ARG C 207 -17.73 33.60 3.42
C ARG C 207 -16.73 34.40 4.25
N SER C 208 -17.25 35.22 5.16
CA SER C 208 -16.37 36.06 5.97
C SER C 208 -15.45 35.19 6.82
N TYR C 209 -14.15 35.46 6.73
CA TYR C 209 -13.17 34.80 7.60
C TYR C 209 -13.10 35.41 8.98
N ASN C 210 -13.92 36.43 9.26
CA ASN C 210 -14.01 37.02 10.60
C ASN C 210 -12.68 37.67 11.01
N VAL C 211 -12.10 38.45 10.09
CA VAL C 211 -10.88 39.17 10.40
C VAL C 211 -11.21 40.33 11.33
N LEU C 212 -10.29 40.61 12.26
CA LEU C 212 -10.53 41.59 13.30
C LEU C 212 -9.80 42.89 13.00
N GLU C 213 -9.83 43.83 13.95
CA GLU C 213 -9.05 45.04 13.86
C GLU C 213 -7.56 44.72 13.92
N ASP C 214 -6.75 45.68 13.49
CA ASP C 214 -5.30 45.49 13.35
C ASP C 214 -4.99 44.66 12.11
N LYS C 215 -5.98 43.92 11.61
CA LYS C 215 -5.87 43.22 10.33
C LYS C 215 -4.70 42.25 10.31
N ILE C 216 -4.53 41.51 11.42
CA ILE C 216 -3.45 40.52 11.50
C ILE C 216 -4.01 39.19 11.99
N ASN C 217 -4.90 39.24 12.97
CA ASN C 217 -5.45 38.06 13.60
C ASN C 217 -6.93 37.91 13.30
N THR C 218 -7.45 36.70 13.53
CA THR C 218 -8.82 36.35 13.25
C THR C 218 -9.57 36.09 14.57
N ALA C 219 -10.89 36.24 14.51
CA ALA C 219 -11.71 35.98 15.67
C ALA C 219 -11.63 34.53 16.13
N TYR C 220 -11.15 33.62 15.27
CA TYR C 220 -11.04 32.23 15.66
C TYR C 220 -9.87 32.05 16.62
N ARG C 221 -10.12 31.34 17.72
CA ARG C 221 -9.07 30.91 18.64
C ARG C 221 -9.00 29.39 18.61
N SER C 222 -7.82 28.86 18.92
CA SER C 222 -7.60 27.42 18.92
C SER C 222 -6.88 26.99 20.20
N TRP C 223 -7.22 25.80 20.69
CA TRP C 223 -6.60 25.29 21.91
C TRP C 223 -5.12 25.00 21.68
N TYR C 224 -4.77 24.49 20.50
CA TYR C 224 -3.38 24.13 20.23
C TYR C 224 -2.49 25.36 20.20
N LEU C 225 -2.96 26.45 19.60
CA LEU C 225 -2.16 27.68 19.58
C LEU C 225 -2.04 28.26 20.98
N SER C 226 -3.12 28.29 21.75
CA SER C 226 -3.06 28.81 23.11
C SER C 226 -2.24 27.91 24.02
N TYR C 227 -2.19 26.61 23.71
CA TYR C 227 -1.38 25.70 24.51
C TYR C 227 0.11 25.92 24.25
N ASN C 228 0.51 26.06 22.99
CA ASN C 228 1.93 26.11 22.66
C ASN C 228 2.47 27.53 22.56
N TYR C 229 1.64 28.51 22.21
CA TYR C 229 2.11 29.87 21.97
C TYR C 229 1.56 30.90 22.94
N GLY C 230 0.59 30.54 23.78
CA GLY C 230 0.07 31.44 24.78
C GLY C 230 1.01 31.57 25.97
N ASN C 231 0.53 32.26 26.98
CA ASN C 231 1.28 32.41 28.22
C ASN C 231 1.46 31.05 28.88
N PRO C 232 2.69 30.57 29.07
CA PRO C 232 2.85 29.22 29.64
C PRO C 232 2.32 29.08 31.06
N GLU C 233 2.32 30.17 31.84
CA GLU C 233 1.89 30.12 33.23
C GLU C 233 0.57 30.85 33.48
N LYS C 234 -0.13 31.26 32.41
CA LYS C 234 -1.41 31.95 32.57
C LYS C 234 -2.47 31.50 31.58
N GLY C 235 -2.12 30.85 30.48
CA GLY C 235 -3.08 30.44 29.49
C GLY C 235 -3.64 29.06 29.76
N ILE C 236 -4.12 28.42 28.70
CA ILE C 236 -4.75 27.11 28.82
C ILE C 236 -3.73 26.04 29.18
N ARG C 237 -2.44 26.30 28.96
CA ARG C 237 -1.41 25.31 29.25
C ARG C 237 -1.27 25.02 30.74
N SER C 238 -1.77 25.91 31.59
CA SER C 238 -1.55 25.76 33.03
C SER C 238 -2.43 24.70 33.66
N TRP C 239 -3.55 24.34 33.03
CA TRP C 239 -4.44 23.34 33.61
C TRP C 239 -4.94 22.30 32.61
N THR C 240 -4.38 22.25 31.41
CA THR C 240 -4.66 21.20 30.45
C THR C 240 -3.34 20.54 30.05
N LEU C 241 -3.45 19.34 29.48
CA LEU C 241 -2.28 18.55 29.13
C LEU C 241 -2.45 17.94 27.75
N LEU C 242 -1.39 17.97 26.95
CA LEU C 242 -1.37 17.36 25.64
C LEU C 242 -0.80 15.95 25.76
N THR C 243 -1.56 14.96 25.27
CA THR C 243 -1.15 13.58 25.31
C THR C 243 -1.36 12.94 23.95
N THR C 244 -0.80 11.75 23.78
CA THR C 244 -1.00 11.01 22.55
C THR C 244 -2.45 10.56 22.43
N SER C 245 -2.96 10.55 21.21
CA SER C 245 -4.35 10.18 20.95
C SER C 245 -4.64 8.75 21.42
N HIS C 283 -18.95 15.78 -0.49
CA HIS C 283 -18.77 14.92 0.68
C HIS C 283 -19.40 15.57 1.91
N VAL C 284 -20.11 14.76 2.70
CA VAL C 284 -20.79 15.31 3.88
C VAL C 284 -19.78 15.77 4.93
N PHE C 285 -18.60 15.18 4.95
CA PHE C 285 -17.56 15.59 5.89
C PHE C 285 -16.71 16.74 5.35
N ASN C 286 -17.11 17.35 4.23
CA ASN C 286 -16.39 18.50 3.67
C ASN C 286 -17.41 19.38 2.95
N ARG C 287 -18.19 20.11 3.76
CA ARG C 287 -19.25 20.96 3.23
C ARG C 287 -18.77 22.35 2.85
N PHE C 288 -17.54 22.72 3.19
CA PHE C 288 -16.98 24.04 2.89
C PHE C 288 -15.60 23.85 2.28
N PRO C 289 -15.52 23.35 1.05
CA PRO C 289 -14.20 23.05 0.48
C PRO C 289 -13.32 24.26 0.28
N GLU C 290 -13.91 25.44 0.06
CA GLU C 290 -13.13 26.64 -0.19
C GLU C 290 -12.69 27.34 1.09
N ASN C 291 -13.43 27.17 2.17
CA ASN C 291 -13.11 27.85 3.42
C ASN C 291 -11.89 27.21 4.07
N GLN C 292 -10.84 28.02 4.27
CA GLN C 292 -9.61 27.47 4.85
C GLN C 292 -9.78 27.09 6.31
N ILE C 293 -10.69 27.74 7.02
CA ILE C 293 -10.89 27.42 8.43
C ILE C 293 -11.79 26.19 8.57
N LEU C 294 -12.82 26.08 7.74
CA LEU C 294 -13.81 25.02 7.85
C LEU C 294 -13.52 23.85 6.92
N ILE C 295 -12.35 23.83 6.28
CA ILE C 295 -11.98 22.69 5.44
C ILE C 295 -11.82 21.44 6.31
N ARG C 296 -12.05 20.28 5.72
CA ARG C 296 -11.90 19.03 6.45
C ARG C 296 -10.48 18.90 6.97
N PRO C 297 -10.27 18.55 8.23
CA PRO C 297 -8.91 18.48 8.75
C PRO C 297 -8.12 17.39 8.06
N PRO C 298 -6.81 17.57 7.90
CA PRO C 298 -6.00 16.54 7.26
C PRO C 298 -5.84 15.32 8.15
N ALA C 299 -5.63 14.17 7.51
CA ALA C 299 -5.48 12.90 8.23
C ALA C 299 -4.01 12.66 8.55
N PRO C 300 -3.69 12.08 9.71
CA PRO C 300 -2.29 11.80 10.04
C PRO C 300 -1.67 10.82 9.07
N THR C 301 -0.34 10.73 9.14
CA THR C 301 0.48 9.93 8.22
C THR C 301 -0.10 9.84 6.81
N SER D 17 8.72 19.07 27.12
CA SER D 17 9.23 20.16 26.29
C SER D 17 10.22 19.64 25.25
N ASN D 18 9.94 19.93 23.98
CA ASN D 18 10.80 19.56 22.86
C ASN D 18 11.50 20.83 22.40
N LYS D 19 12.76 21.01 22.79
CA LYS D 19 13.50 22.22 22.48
C LYS D 19 14.97 21.89 22.27
N PHE D 20 15.69 22.86 21.72
CA PHE D 20 17.13 22.73 21.53
C PHE D 20 17.72 24.13 21.35
N LYS D 21 19.03 24.23 21.49
CA LYS D 21 19.76 25.48 21.33
C LYS D 21 20.70 25.37 20.14
N ALA D 22 20.88 26.49 19.43
CA ALA D 22 21.76 26.53 18.28
C ALA D 22 22.28 27.94 18.09
N ARG D 23 23.36 28.05 17.33
CA ARG D 23 24.00 29.32 17.00
C ARG D 23 23.80 29.60 15.51
N VAL D 24 23.39 30.83 15.20
CA VAL D 24 23.13 31.22 13.83
C VAL D 24 23.53 32.67 13.62
N MET D 25 23.40 33.19 12.40
CA MET D 25 23.74 34.58 12.10
C MET D 25 22.76 35.52 12.78
N GLU D 44 27.87 42.98 2.96
CA GLU D 44 28.17 41.80 2.16
C GLU D 44 29.42 41.06 2.67
N ASP D 45 30.34 41.77 3.29
CA ASP D 45 31.65 41.22 3.67
C ASP D 45 31.75 40.77 5.13
N ILE D 46 31.11 41.48 6.10
CA ILE D 46 31.20 41.12 7.52
C ILE D 46 30.08 40.13 7.85
N LEU D 47 30.29 39.33 8.90
CA LEU D 47 29.37 38.25 9.25
C LEU D 47 29.21 38.14 10.77
N LYS D 48 27.99 38.36 11.26
CA LYS D 48 27.63 38.29 12.68
C LYS D 48 27.02 36.92 13.02
N TYR D 49 27.18 36.49 14.27
CA TYR D 49 26.69 35.19 14.73
C TYR D 49 26.21 35.26 16.19
N GLU D 50 25.12 34.53 16.49
CA GLU D 50 24.51 34.60 17.81
C GLU D 50 23.79 33.30 18.15
N TRP D 51 23.72 32.98 19.44
CA TRP D 51 23.09 31.76 19.93
C TRP D 51 21.64 32.03 20.32
N PHE D 52 20.81 31.00 20.23
CA PHE D 52 19.39 31.12 20.58
C PHE D 52 18.91 29.79 21.15
N GLU D 53 17.70 29.81 21.69
CA GLU D 53 17.00 28.60 22.10
C GLU D 53 15.72 28.48 21.29
N PHE D 54 15.53 27.34 20.62
CA PHE D 54 14.40 27.12 19.72
C PHE D 54 13.40 26.19 20.39
N ILE D 55 12.12 26.53 20.27
CA ILE D 55 11.03 25.81 20.92
C ILE D 55 10.15 25.20 19.85
N LEU D 56 9.83 23.91 20.03
CA LEU D 56 8.92 23.19 19.17
C LEU D 56 7.53 23.07 19.83
N PRO D 57 6.46 22.98 19.04
CA PRO D 57 5.16 22.66 19.63
C PRO D 57 5.18 21.25 20.22
N GLU D 58 4.48 21.08 21.34
CA GLU D 58 4.56 19.82 22.07
C GLU D 58 3.79 18.72 21.35
N GLY D 59 4.22 17.49 21.59
CA GLY D 59 3.61 16.32 20.98
C GLY D 59 4.64 15.20 20.86
N ASN D 60 4.14 14.05 20.41
CA ASN D 60 4.98 12.89 20.11
C ASN D 60 5.03 12.76 18.59
N PHE D 61 6.14 13.18 18.00
CA PHE D 61 6.29 13.22 16.56
C PHE D 61 7.29 12.18 16.07
N SER D 62 7.22 11.89 14.77
CA SER D 62 8.17 11.01 14.13
C SER D 62 9.47 11.76 13.84
N ALA D 63 10.43 11.07 13.23
CA ALA D 63 11.70 11.70 12.93
C ALA D 63 11.58 12.71 11.79
N THR D 64 10.75 12.40 10.79
CA THR D 64 10.62 13.31 9.65
C THR D 64 9.88 14.58 10.04
N MET D 65 8.79 14.44 10.81
CA MET D 65 8.08 15.62 11.27
C MET D 65 8.92 16.43 12.24
N THR D 66 9.75 15.77 13.05
CA THR D 66 10.63 16.49 13.96
C THR D 66 11.66 17.30 13.19
N ILE D 67 12.24 16.72 12.14
CA ILE D 67 13.22 17.44 11.34
C ILE D 67 12.58 18.64 10.66
N ASP D 68 11.34 18.49 10.20
CA ASP D 68 10.66 19.60 9.54
C ASP D 68 10.39 20.73 10.52
N LEU D 69 10.05 20.41 11.77
CA LEU D 69 9.77 21.45 12.76
C LEU D 69 11.03 22.18 13.16
N MET D 70 12.16 21.46 13.26
CA MET D 70 13.41 22.10 13.65
C MET D 70 13.92 23.03 12.55
N ASN D 71 13.77 22.63 11.29
CA ASN D 71 14.13 23.53 10.19
C ASN D 71 13.23 24.76 10.17
N ASN D 72 11.93 24.57 10.44
CA ASN D 72 11.03 25.71 10.50
C ASN D 72 11.38 26.63 11.67
N ALA D 73 11.87 26.07 12.78
CA ALA D 73 12.29 26.90 13.90
C ALA D 73 13.54 27.70 13.55
N ILE D 74 14.44 27.12 12.76
CA ILE D 74 15.62 27.86 12.32
C ILE D 74 15.22 28.97 11.37
N ILE D 75 14.33 28.67 10.42
CA ILE D 75 13.93 29.68 9.43
C ILE D 75 13.08 30.75 10.09
N ASP D 76 12.24 30.37 11.06
CA ASP D 76 11.44 31.36 11.77
C ASP D 76 12.31 32.35 12.51
N ASN D 77 13.49 31.91 12.98
CA ASN D 77 14.43 32.84 13.61
C ASN D 77 15.09 33.73 12.57
N TYR D 78 15.34 33.22 11.37
CA TYR D 78 15.95 34.03 10.32
C TYR D 78 14.98 35.08 9.79
N LEU D 79 13.68 34.78 9.79
CA LEU D 79 12.69 35.72 9.27
C LEU D 79 12.43 36.89 10.22
N GLU D 80 12.79 36.77 11.49
CA GLU D 80 12.61 37.84 12.47
C GLU D 80 13.90 38.60 12.71
N ILE D 81 14.92 37.93 13.25
CA ILE D 81 16.22 38.52 13.53
C ILE D 81 17.22 37.91 12.56
N GLY D 82 17.63 38.68 11.56
CA GLY D 82 18.59 38.19 10.60
C GLY D 82 18.32 38.65 9.18
N ARG D 83 17.19 38.22 8.62
CA ARG D 83 16.84 38.63 7.26
C ARG D 83 16.81 40.16 7.14
N GLN D 84 16.27 40.84 8.14
CA GLN D 84 16.21 42.28 8.15
C GLN D 84 17.53 42.94 8.51
N ASN D 85 18.60 42.15 8.67
CA ASN D 85 19.91 42.68 9.05
C ASN D 85 20.98 42.35 8.01
N GLY D 86 20.59 42.00 6.80
CA GLY D 86 21.53 41.86 5.70
C GLY D 86 22.10 40.48 5.50
N VAL D 87 21.59 39.47 6.18
CA VAL D 87 22.04 38.10 5.97
C VAL D 87 21.25 37.51 4.80
N LEU D 88 21.89 36.65 4.03
CA LEU D 88 21.29 36.05 2.84
C LEU D 88 20.80 34.64 3.15
N GLU D 89 19.93 34.14 2.27
CA GLU D 89 19.46 32.76 2.39
C GLU D 89 20.54 31.74 2.05
N SER D 90 21.71 32.18 1.61
CA SER D 90 22.85 31.30 1.39
C SER D 90 23.74 31.21 2.62
N ASP D 91 23.30 31.75 3.76
CA ASP D 91 24.10 31.73 4.99
C ASP D 91 23.25 31.36 6.19
N ILE D 92 22.22 30.53 6.00
CA ILE D 92 21.38 30.11 7.12
C ILE D 92 22.25 29.47 8.20
N GLY D 93 22.93 28.38 7.86
CA GLY D 93 23.99 27.84 8.69
C GLY D 93 23.61 26.63 9.52
N VAL D 94 22.33 26.33 9.66
CA VAL D 94 21.90 25.17 10.44
C VAL D 94 20.76 24.50 9.68
N LYS D 95 20.97 23.24 9.29
CA LYS D 95 19.94 22.48 8.61
C LYS D 95 20.04 21.01 9.01
N PHE D 96 18.89 20.39 9.22
CA PHE D 96 18.79 18.99 9.57
C PHE D 96 18.31 18.22 8.35
N ASP D 97 19.13 17.30 7.87
CA ASP D 97 18.87 16.58 6.63
C ASP D 97 18.96 15.08 6.90
N THR D 98 18.69 14.30 5.86
CA THR D 98 18.77 12.84 5.96
C THR D 98 19.60 12.23 4.84
N ARG D 99 20.15 13.03 3.94
CA ARG D 99 20.85 12.52 2.77
C ARG D 99 22.31 12.22 3.07
N ASN D 100 22.91 11.39 2.21
CA ASN D 100 24.34 11.11 2.25
C ASN D 100 24.99 11.88 1.10
N PHE D 101 25.30 13.14 1.37
CA PHE D 101 26.04 13.95 0.41
C PHE D 101 27.29 13.20 -0.02
N ARG D 102 27.86 13.57 -1.16
CA ARG D 102 29.03 12.91 -1.77
C ARG D 102 28.74 11.47 -2.19
N LEU D 103 27.46 11.11 -2.38
CA LEU D 103 27.15 9.77 -2.89
C LEU D 103 27.59 9.63 -4.35
N GLY D 104 27.18 10.58 -5.20
CA GLY D 104 27.59 10.54 -6.58
C GLY D 104 28.94 11.18 -6.84
N TRP D 105 29.84 11.06 -5.86
CA TRP D 105 31.14 11.70 -5.92
C TRP D 105 32.07 10.94 -6.87
N ASP D 106 32.91 11.69 -7.59
CA ASP D 106 33.86 11.11 -8.53
C ASP D 106 35.28 11.36 -8.06
N PRO D 107 36.13 10.32 -7.98
CA PRO D 107 37.46 10.53 -7.41
C PRO D 107 38.38 11.38 -8.29
N GLU D 108 38.08 11.53 -9.57
CA GLU D 108 38.92 12.33 -10.46
C GLU D 108 38.52 13.80 -10.44
N THR D 109 37.24 14.08 -10.65
CA THR D 109 36.76 15.45 -10.62
C THR D 109 36.62 15.99 -9.20
N LYS D 110 36.49 15.10 -8.21
CA LYS D 110 36.26 15.49 -6.82
C LYS D 110 34.97 16.31 -6.68
N LEU D 111 33.98 16.00 -7.52
CA LEU D 111 32.70 16.70 -7.51
C LEU D 111 31.58 15.68 -7.55
N ILE D 112 30.34 16.18 -7.52
CA ILE D 112 29.14 15.35 -7.53
C ILE D 112 28.62 15.37 -8.96
N MET D 113 28.96 14.34 -9.73
CA MET D 113 28.73 14.40 -11.16
C MET D 113 27.28 14.51 -11.55
N PRO D 114 26.32 13.86 -10.87
CA PRO D 114 24.91 14.02 -11.26
C PRO D 114 24.42 15.46 -11.22
N GLY D 115 25.16 16.37 -10.59
CA GLY D 115 24.72 17.73 -10.40
C GLY D 115 23.74 17.93 -9.28
N VAL D 116 23.19 16.85 -8.72
CA VAL D 116 22.28 16.90 -7.59
C VAL D 116 22.66 15.80 -6.62
N TYR D 117 22.54 16.07 -5.33
CA TYR D 117 22.80 15.05 -4.32
C TYR D 117 21.72 13.98 -4.38
N THR D 118 22.10 12.75 -4.06
CA THR D 118 21.15 11.64 -4.09
C THR D 118 20.02 11.89 -3.10
N TYR D 119 18.78 11.79 -3.58
CA TYR D 119 17.60 12.12 -2.78
C TYR D 119 17.02 10.86 -2.14
N GLU D 120 17.84 10.22 -1.31
CA GLU D 120 17.46 9.05 -0.55
C GLU D 120 17.81 9.29 0.91
N ALA D 121 16.97 8.78 1.81
CA ALA D 121 17.17 8.97 3.24
C ALA D 121 18.08 7.87 3.79
N PHE D 122 19.12 8.27 4.51
CA PHE D 122 20.06 7.34 5.13
C PHE D 122 20.04 7.43 6.65
N HIS D 123 20.15 8.64 7.20
CA HIS D 123 20.13 8.86 8.64
C HIS D 123 19.97 10.35 8.88
N PRO D 124 19.17 10.78 9.87
CA PRO D 124 19.09 12.21 10.17
C PRO D 124 20.47 12.79 10.44
N ASP D 125 20.71 13.99 9.92
CA ASP D 125 22.03 14.61 9.92
C ASP D 125 21.91 16.07 10.31
N ILE D 126 23.05 16.66 10.66
CA ILE D 126 23.15 18.07 11.01
C ILE D 126 24.14 18.72 10.05
N VAL D 127 23.67 19.72 9.31
CA VAL D 127 24.50 20.46 8.36
C VAL D 127 24.75 21.85 8.94
N LEU D 128 26.01 22.28 8.90
CA LEU D 128 26.42 23.52 9.54
C LEU D 128 27.32 24.34 8.61
N LEU D 129 27.25 25.65 8.78
CA LEU D 129 28.15 26.60 8.16
C LEU D 129 29.13 27.15 9.21
N PRO D 130 30.26 27.71 8.79
CA PRO D 130 31.23 28.20 9.77
C PRO D 130 30.62 29.21 10.73
N GLY D 131 30.94 29.04 12.02
CA GLY D 131 30.43 29.91 13.06
C GLY D 131 29.13 29.44 13.69
N CYS D 132 28.49 28.43 13.13
CA CYS D 132 27.22 27.94 13.63
C CYS D 132 27.42 26.67 14.44
N GLY D 133 26.33 26.15 14.99
CA GLY D 133 26.38 24.96 15.79
C GLY D 133 25.07 24.73 16.50
N VAL D 134 24.94 23.54 17.07
CA VAL D 134 23.75 23.15 17.81
C VAL D 134 24.19 22.60 19.17
N ASP D 135 23.30 22.74 20.15
CA ASP D 135 23.57 22.30 21.51
C ASP D 135 22.37 21.50 22.01
N PHE D 136 22.60 20.24 22.36
CA PHE D 136 21.57 19.36 22.91
C PHE D 136 21.79 19.06 24.37
N THR D 137 22.34 20.02 25.12
CA THR D 137 22.67 19.78 26.51
C THR D 137 21.42 19.57 27.36
N GLU D 138 20.32 20.22 27.01
CA GLU D 138 19.03 20.02 27.67
C GLU D 138 18.01 19.35 26.78
N SER D 139 18.35 19.06 25.53
CA SER D 139 17.41 18.53 24.57
C SER D 139 17.41 17.01 24.60
N ARG D 140 16.24 16.44 24.31
CA ARG D 140 16.09 15.02 24.06
C ARG D 140 15.82 14.74 22.58
N LEU D 141 15.90 15.75 21.73
CA LEU D 141 15.61 15.58 20.31
C LEU D 141 16.75 14.90 19.56
N SER D 142 17.97 14.91 20.11
CA SER D 142 19.07 14.20 19.45
C SER D 142 18.92 12.70 19.61
N ASN D 143 18.45 12.25 20.77
CA ASN D 143 18.23 10.82 20.99
C ASN D 143 17.17 10.28 20.03
N LEU D 144 16.23 11.13 19.62
CA LEU D 144 15.23 10.71 18.64
C LEU D 144 15.82 10.66 17.23
N LEU D 145 16.74 11.57 16.91
CA LEU D 145 17.44 11.56 15.64
C LEU D 145 18.60 10.56 15.61
N GLY D 146 18.72 9.71 16.62
CA GLY D 146 19.75 8.69 16.62
C GLY D 146 21.17 9.21 16.73
N ILE D 147 21.35 10.37 17.35
CA ILE D 147 22.67 10.97 17.54
C ILE D 147 22.86 11.12 19.05
N ARG D 148 23.76 10.32 19.62
CA ARG D 148 23.97 10.32 21.06
C ARG D 148 25.46 10.37 21.36
N LYS D 149 25.77 10.78 22.60
CA LYS D 149 27.12 10.73 23.12
C LYS D 149 27.32 9.41 23.86
N ARG D 150 28.49 8.80 23.65
CA ARG D 150 28.81 7.51 24.25
C ARG D 150 29.11 7.60 25.73
N HIS D 151 29.01 8.80 26.32
CA HIS D 151 29.28 8.97 27.74
C HIS D 151 28.33 8.14 28.59
N GLU D 155 28.11 15.82 31.57
CA GLU D 155 28.69 15.63 30.25
C GLU D 155 28.44 16.85 29.37
N GLY D 156 27.22 16.95 28.84
CA GLY D 156 26.88 18.03 27.93
C GLY D 156 27.12 17.62 26.49
N PHE D 157 26.22 18.02 25.59
CA PHE D 157 26.27 17.60 24.19
C PHE D 157 26.12 18.82 23.29
N LYS D 158 27.25 19.36 22.85
CA LYS D 158 27.29 20.51 21.96
C LYS D 158 28.13 20.15 20.73
N ILE D 159 27.58 20.39 19.55
CA ILE D 159 28.24 20.09 18.28
C ILE D 159 28.40 21.39 17.51
N MET D 160 29.65 21.76 17.23
CA MET D 160 29.96 23.00 16.52
C MET D 160 30.60 22.68 15.18
N TYR D 161 30.68 23.70 14.33
CA TYR D 161 31.24 23.53 12.99
C TYR D 161 32.68 23.06 13.05
N GLU D 162 33.44 23.52 14.05
CA GLU D 162 34.84 23.11 14.17
C GLU D 162 35.00 21.64 14.52
N ASP D 163 33.93 20.99 14.98
CA ASP D 163 34.00 19.59 15.36
C ASP D 163 33.70 18.65 14.20
N LEU D 164 33.21 19.17 13.07
CA LEU D 164 32.86 18.35 11.91
C LEU D 164 33.96 18.35 10.85
N GLU D 165 35.22 18.32 11.28
CA GLU D 165 36.33 18.35 10.33
C GLU D 165 36.28 17.12 9.42
N GLY D 166 36.47 17.36 8.13
CA GLY D 166 36.40 16.28 7.16
C GLY D 166 35.01 15.96 6.66
N GLY D 167 34.02 16.79 6.99
CA GLY D 167 32.66 16.53 6.56
C GLY D 167 32.13 17.56 5.59
N ASN D 168 33.02 18.17 4.82
CA ASN D 168 32.60 19.17 3.83
C ASN D 168 31.80 18.50 2.72
N ILE D 169 30.68 19.11 2.35
CA ILE D 169 29.82 18.60 1.28
C ILE D 169 30.46 18.95 -0.06
N PRO D 170 30.77 17.98 -0.92
CA PRO D 170 31.33 18.30 -2.23
C PRO D 170 30.34 19.10 -3.06
N ALA D 171 30.87 19.94 -3.95
CA ALA D 171 30.04 20.78 -4.79
C ALA D 171 29.49 20.00 -5.98
N LEU D 172 28.38 20.47 -6.51
CA LEU D 172 27.76 19.85 -7.68
C LEU D 172 28.50 20.30 -8.94
N LEU D 173 28.13 19.68 -10.05
CA LEU D 173 28.75 19.94 -11.35
C LEU D 173 27.77 20.64 -12.27
N ASP D 174 28.17 21.79 -12.80
CA ASP D 174 27.38 22.48 -13.81
C ASP D 174 27.38 21.64 -15.09
N VAL D 175 26.19 21.14 -15.46
CA VAL D 175 26.06 20.18 -16.55
C VAL D 175 25.90 20.97 -17.84
N THR D 176 26.99 21.10 -18.59
CA THR D 176 26.96 21.75 -19.90
C THR D 176 28.15 21.33 -20.74
N ILE D 197 33.61 21.13 -16.90
CA ILE D 197 33.99 20.57 -15.60
C ILE D 197 34.27 21.68 -14.61
N GLN D 198 33.20 22.32 -14.11
CA GLN D 198 33.30 23.40 -13.14
C GLN D 198 32.15 23.27 -12.17
N PRO D 199 32.36 23.61 -10.89
CA PRO D 199 31.27 23.46 -9.92
C PRO D 199 30.20 24.53 -10.09
N LEU D 200 28.95 24.13 -9.86
CA LEU D 200 27.85 25.10 -9.86
C LEU D 200 27.96 26.01 -8.64
N GLU D 201 27.98 27.32 -8.88
CA GLU D 201 28.20 28.27 -7.81
C GLU D 201 26.92 28.86 -7.23
N LYS D 202 25.79 28.72 -7.91
CA LYS D 202 24.54 29.31 -7.45
C LYS D 202 23.38 28.38 -7.78
N ASP D 203 22.24 28.66 -7.15
CA ASP D 203 21.03 27.89 -7.36
C ASP D 203 20.22 28.51 -8.50
N SER D 204 18.98 28.04 -8.69
CA SER D 204 18.15 28.56 -9.76
C SER D 204 17.74 30.01 -9.48
N LYS D 205 17.44 30.32 -8.22
CA LYS D 205 17.03 31.66 -7.82
C LYS D 205 18.20 32.52 -7.37
N SER D 206 19.41 32.23 -7.84
CA SER D 206 20.60 32.99 -7.52
C SER D 206 20.88 32.97 -6.01
N ARG D 207 21.03 31.75 -5.49
CA ARG D 207 21.44 31.54 -4.10
C ARG D 207 22.81 30.90 -4.11
N SER D 208 23.76 31.52 -3.40
CA SER D 208 25.12 31.02 -3.38
C SER D 208 25.17 29.63 -2.74
N TYR D 209 25.82 28.69 -3.42
CA TYR D 209 26.07 27.37 -2.84
C TYR D 209 27.24 27.38 -1.86
N ASN D 210 27.92 28.53 -1.71
CA ASN D 210 29.04 28.67 -0.77
C ASN D 210 30.23 27.81 -1.19
N VAL D 211 30.57 27.89 -2.48
CA VAL D 211 31.74 27.17 -2.98
C VAL D 211 33.00 27.80 -2.41
N LEU D 212 33.99 26.98 -2.12
CA LEU D 212 35.23 27.43 -1.52
C LEU D 212 36.35 27.44 -2.56
N GLU D 213 37.59 27.65 -2.11
CA GLU D 213 38.74 27.56 -2.99
C GLU D 213 38.95 26.11 -3.43
N ASP D 214 39.74 25.95 -4.49
CA ASP D 214 39.96 24.64 -5.10
C ASP D 214 38.76 24.21 -5.94
N LYS D 215 37.60 24.83 -5.69
CA LYS D 215 36.40 24.60 -6.48
C LYS D 215 36.01 23.13 -6.52
N ILE D 216 36.09 22.47 -5.36
CA ILE D 216 35.70 21.06 -5.25
C ILE D 216 34.76 20.89 -4.07
N ASN D 217 35.01 21.61 -2.98
CA ASN D 217 34.28 21.46 -1.74
C ASN D 217 33.39 22.67 -1.49
N THR D 218 32.45 22.50 -0.56
CA THR D 218 31.49 23.53 -0.18
C THR D 218 31.70 23.91 1.27
N ALA D 219 31.36 25.15 1.61
CA ALA D 219 31.49 25.62 2.98
C ALA D 219 30.62 24.81 3.93
N TYR D 220 29.54 24.19 3.43
CA TYR D 220 28.67 23.39 4.28
C TYR D 220 29.42 22.15 4.77
N ARG D 221 29.32 21.88 6.07
CA ARG D 221 29.83 20.66 6.69
C ARG D 221 28.66 19.89 7.27
N SER D 222 28.76 18.57 7.26
CA SER D 222 27.70 17.71 7.77
C SER D 222 28.26 16.70 8.76
N TRP D 223 27.48 16.40 9.80
CA TRP D 223 27.92 15.45 10.82
C TRP D 223 28.07 14.05 10.24
N TYR D 224 27.18 13.67 9.32
CA TYR D 224 27.20 12.32 8.78
C TYR D 224 28.47 12.06 7.99
N LEU D 225 28.92 13.05 7.21
CA LEU D 225 30.14 12.87 6.43
C LEU D 225 31.37 12.79 7.33
N SER D 226 31.45 13.65 8.35
CA SER D 226 32.58 13.60 9.26
C SER D 226 32.55 12.33 10.11
N TYR D 227 31.36 11.78 10.37
CA TYR D 227 31.26 10.56 11.16
C TYR D 227 31.73 9.34 10.37
N ASN D 228 31.40 9.28 9.08
CA ASN D 228 31.71 8.12 8.26
C ASN D 228 32.95 8.29 7.40
N TYR D 229 33.28 9.50 6.96
CA TYR D 229 34.42 9.72 6.08
C TYR D 229 35.53 10.55 6.71
N GLY D 230 35.31 11.09 7.91
CA GLY D 230 36.35 11.82 8.61
C GLY D 230 37.36 10.89 9.25
N ASN D 231 38.23 11.49 10.06
CA ASN D 231 39.23 10.69 10.75
C ASN D 231 38.57 9.86 11.84
N PRO D 232 38.77 8.55 11.86
CA PRO D 232 38.05 7.72 12.84
C PRO D 232 38.47 7.99 14.28
N GLU D 233 39.69 8.45 14.53
CA GLU D 233 40.18 8.66 15.88
C GLU D 233 40.47 10.12 16.20
N LYS D 234 39.99 11.06 15.38
CA LYS D 234 40.18 12.48 15.64
C LYS D 234 38.98 13.32 15.25
N GLY D 235 38.02 12.79 14.51
CA GLY D 235 36.86 13.54 14.09
C GLY D 235 35.73 13.47 15.09
N ILE D 236 34.52 13.70 14.58
CA ILE D 236 33.33 13.71 15.43
C ILE D 236 32.92 12.32 15.90
N ARG D 237 33.46 11.27 15.29
CA ARG D 237 33.08 9.91 15.66
C ARG D 237 33.65 9.49 17.01
N SER D 238 34.67 10.18 17.52
CA SER D 238 35.33 9.72 18.73
C SER D 238 34.47 9.89 19.97
N TRP D 239 33.46 10.76 19.94
CA TRP D 239 32.63 10.99 21.12
C TRP D 239 31.14 11.06 20.83
N THR D 240 30.71 10.83 19.58
CA THR D 240 29.30 10.71 19.24
C THR D 240 29.05 9.34 18.64
N LEU D 241 27.78 8.92 18.64
CA LEU D 241 27.41 7.60 18.18
C LEU D 241 26.18 7.67 17.30
N LEU D 242 26.23 6.97 16.16
CA LEU D 242 25.09 6.86 15.27
C LEU D 242 24.27 5.65 15.66
N THR D 243 22.98 5.85 15.88
CA THR D 243 22.07 4.80 16.26
C THR D 243 20.78 4.90 15.44
N THR D 244 19.94 3.89 15.57
CA THR D 244 18.63 3.91 14.93
C THR D 244 17.71 4.88 15.67
N SER D 245 16.81 5.50 14.91
CA SER D 245 15.89 6.48 15.48
C SER D 245 14.98 5.85 16.51
N HIS D 283 4.29 25.16 0.27
CA HIS D 283 5.03 24.26 1.14
C HIS D 283 5.86 25.05 2.15
N VAL D 284 5.36 25.13 3.39
CA VAL D 284 6.09 25.85 4.42
C VAL D 284 7.34 25.07 4.83
N PHE D 285 7.30 23.75 4.76
CA PHE D 285 8.44 22.91 5.08
C PHE D 285 9.36 22.68 3.88
N ASN D 286 9.17 23.44 2.79
CA ASN D 286 10.04 23.38 1.62
C ASN D 286 10.06 24.78 0.99
N ARG D 287 10.77 25.70 1.65
CA ARG D 287 10.80 27.09 1.24
C ARG D 287 11.85 27.40 0.19
N PHE D 288 12.79 26.48 -0.05
CA PHE D 288 13.84 26.67 -1.05
C PHE D 288 13.90 25.46 -1.96
N PRO D 289 12.91 25.32 -2.85
CA PRO D 289 12.87 24.12 -3.71
C PRO D 289 14.04 24.01 -4.67
N GLU D 290 14.67 25.12 -5.04
CA GLU D 290 15.76 25.09 -6.01
C GLU D 290 17.11 24.81 -5.37
N ASN D 291 17.33 25.24 -4.14
CA ASN D 291 18.61 25.04 -3.47
C ASN D 291 18.77 23.57 -3.11
N GLN D 292 19.80 22.93 -3.67
CA GLN D 292 20.03 21.51 -3.41
C GLN D 292 20.40 21.23 -1.96
N ILE D 293 20.93 22.22 -1.26
CA ILE D 293 21.28 22.02 0.15
C ILE D 293 20.06 22.24 1.04
N LEU D 294 19.26 23.25 0.74
CA LEU D 294 18.13 23.64 1.58
C LEU D 294 16.82 22.96 1.18
N ILE D 295 16.88 22.02 0.24
CA ILE D 295 15.66 21.30 -0.14
C ILE D 295 15.15 20.49 1.05
N ARG D 296 13.84 20.28 1.08
CA ARG D 296 13.25 19.48 2.15
C ARG D 296 13.89 18.09 2.17
N PRO D 297 14.38 17.62 3.31
CA PRO D 297 15.06 16.32 3.34
C PRO D 297 14.10 15.21 2.96
N PRO D 298 14.60 14.15 2.31
CA PRO D 298 13.72 13.03 1.95
C PRO D 298 13.30 12.23 3.18
N ALA D 299 12.18 11.54 3.04
CA ALA D 299 11.62 10.72 4.12
C ALA D 299 11.99 9.26 3.91
N PRO D 300 12.29 8.52 4.99
CA PRO D 300 12.63 7.09 4.86
C PRO D 300 11.49 6.27 4.27
N ASN E 12 19.19 -36.14 4.72
CA ASN E 12 20.22 -35.39 4.02
C ASN E 12 20.00 -33.89 4.17
N GLU E 13 21.10 -33.16 4.36
CA GLU E 13 21.05 -31.71 4.44
C GLU E 13 21.03 -31.04 3.07
N TYR E 14 20.89 -31.83 2.00
CA TYR E 14 20.81 -31.31 0.64
C TYR E 14 19.55 -31.80 -0.06
N MET E 15 18.42 -31.81 0.66
CA MET E 15 17.19 -32.44 0.17
C MET E 15 16.42 -31.57 -0.82
N PHE E 16 16.79 -30.30 -0.97
CA PHE E 16 16.19 -29.38 -1.94
C PHE E 16 14.84 -28.84 -1.46
N SER E 17 14.20 -29.55 -0.55
CA SER E 17 13.06 -29.02 0.21
C SER E 17 11.83 -28.69 -0.64
N ASN E 18 11.90 -27.64 -1.45
CA ASN E 18 10.72 -27.18 -2.20
C ASN E 18 10.58 -28.00 -3.46
N LYS E 19 9.72 -29.04 -3.42
CA LYS E 19 9.50 -29.91 -4.55
C LYS E 19 8.12 -30.54 -4.45
N PHE E 20 7.67 -31.12 -5.55
CA PHE E 20 6.41 -31.84 -5.60
C PHE E 20 6.39 -32.68 -6.87
N LYS E 21 5.51 -33.68 -6.88
CA LYS E 21 5.34 -34.55 -8.03
C LYS E 21 3.99 -34.28 -8.69
N ALA E 22 3.92 -34.52 -10.00
CA ALA E 22 2.68 -34.29 -10.73
C ALA E 22 2.69 -35.12 -12.00
N ARG E 23 1.50 -35.44 -12.49
CA ARG E 23 1.30 -36.17 -13.73
C ARG E 23 0.71 -35.22 -14.77
N VAL E 24 1.38 -35.09 -15.90
CA VAL E 24 1.00 -34.16 -16.96
C VAL E 24 0.99 -34.90 -18.28
N MET E 25 0.50 -34.22 -19.31
CA MET E 25 0.43 -34.80 -20.64
C MET E 25 1.79 -34.71 -21.32
N VAL E 26 2.17 -35.80 -22.00
CA VAL E 26 3.47 -35.89 -22.67
C VAL E 26 3.31 -35.86 -24.18
N SER E 27 2.39 -36.66 -24.72
CA SER E 27 2.20 -36.79 -26.16
C SER E 27 0.76 -36.48 -26.54
N ARG E 28 0.55 -36.30 -27.84
CA ARG E 28 -0.79 -36.12 -28.40
C ARG E 28 -0.69 -36.42 -29.90
N LYS E 29 -0.91 -37.68 -30.25
CA LYS E 29 -0.70 -38.17 -31.60
C LYS E 29 -1.95 -38.90 -32.08
N ALA E 30 -2.48 -38.48 -33.22
CA ALA E 30 -3.58 -39.19 -33.87
C ALA E 30 -3.20 -40.66 -34.01
N PRO E 31 -4.16 -41.58 -33.85
CA PRO E 31 -3.80 -43.01 -33.82
C PRO E 31 -2.93 -43.42 -35.00
N GLU E 32 -1.90 -44.21 -34.71
CA GLU E 32 -1.08 -44.82 -35.77
C GLU E 32 -2.02 -45.54 -36.75
N GLY E 33 -2.28 -44.92 -37.90
CA GLY E 33 -3.33 -45.41 -38.78
C GLY E 33 -3.13 -45.03 -40.23
N VAL E 34 -4.15 -44.42 -40.83
CA VAL E 34 -4.15 -44.24 -42.29
C VAL E 34 -4.26 -42.77 -42.71
N THR E 35 -5.37 -42.12 -42.41
CA THR E 35 -5.60 -40.77 -42.92
C THR E 35 -6.12 -39.83 -41.84
N VAL E 36 -6.04 -38.54 -42.12
CA VAL E 36 -6.63 -37.50 -41.28
C VAL E 36 -7.18 -36.39 -42.19
N ASN E 37 -8.41 -36.55 -42.64
CA ASN E 37 -9.05 -35.54 -43.46
C ASN E 37 -9.43 -34.33 -42.60
N ASP E 38 -9.96 -33.31 -43.25
CA ASP E 38 -10.47 -32.13 -42.53
C ASP E 38 -11.76 -32.40 -41.77
N THR E 39 -12.12 -33.68 -41.66
CA THR E 39 -13.29 -34.15 -40.90
C THR E 39 -12.94 -35.33 -39.99
N TYR E 40 -11.71 -35.37 -39.49
CA TYR E 40 -11.29 -36.36 -38.50
C TYR E 40 -11.50 -35.78 -37.10
N ASP E 41 -12.24 -36.50 -36.28
CA ASP E 41 -12.47 -36.06 -34.91
C ASP E 41 -11.20 -36.19 -34.09
N HIS E 42 -10.68 -35.07 -33.60
CA HIS E 42 -9.48 -35.07 -32.78
C HIS E 42 -9.74 -35.51 -31.34
N LYS E 43 -10.97 -35.87 -31.00
CA LYS E 43 -11.22 -36.58 -29.74
C LYS E 43 -10.63 -37.99 -29.79
N GLU E 44 -10.38 -38.53 -30.98
CA GLU E 44 -9.69 -39.79 -31.15
C GLU E 44 -8.17 -39.66 -30.98
N ASP E 45 -7.65 -38.44 -30.81
CA ASP E 45 -6.23 -38.27 -30.52
C ASP E 45 -5.86 -39.07 -29.28
N ILE E 46 -4.72 -39.76 -29.36
CA ILE E 46 -4.22 -40.57 -28.26
C ILE E 46 -3.35 -39.71 -27.36
N LEU E 47 -3.67 -39.71 -26.06
CA LEU E 47 -3.01 -38.86 -25.08
C LEU E 47 -2.20 -39.72 -24.14
N LYS E 48 -0.92 -39.38 -23.96
CA LYS E 48 -0.01 -40.10 -23.08
C LYS E 48 0.41 -39.18 -21.95
N TYR E 49 0.44 -39.72 -20.74
CA TYR E 49 0.78 -38.96 -19.54
C TYR E 49 1.93 -39.66 -18.81
N GLU E 50 2.60 -38.90 -17.96
CA GLU E 50 3.73 -39.43 -17.20
C GLU E 50 3.89 -38.62 -15.92
N TRP E 51 4.48 -39.27 -14.91
CA TRP E 51 4.78 -38.62 -13.65
C TRP E 51 6.17 -37.97 -13.71
N PHE E 52 6.28 -36.80 -13.08
CA PHE E 52 7.56 -36.12 -12.94
C PHE E 52 7.68 -35.60 -11.52
N GLU E 53 8.92 -35.34 -11.10
CA GLU E 53 9.18 -34.63 -9.86
C GLU E 53 9.67 -33.23 -10.22
N PHE E 54 8.98 -32.21 -9.70
CA PHE E 54 9.31 -30.81 -9.98
C PHE E 54 10.00 -30.21 -8.76
N ILE E 55 11.07 -29.47 -9.01
CA ILE E 55 11.86 -28.85 -7.94
C ILE E 55 11.86 -27.34 -8.15
N LEU E 56 11.61 -26.60 -7.09
CA LEU E 56 11.65 -25.16 -7.09
C LEU E 56 12.97 -24.65 -6.54
N PRO E 57 13.36 -23.42 -6.86
CA PRO E 57 14.56 -22.85 -6.24
C PRO E 57 14.40 -22.78 -4.73
N GLU E 58 15.52 -22.86 -4.02
CA GLU E 58 15.48 -22.83 -2.56
C GLU E 58 15.30 -21.41 -2.04
N GLY E 59 14.61 -21.30 -0.92
CA GLY E 59 14.27 -20.01 -0.32
C GLY E 59 13.01 -20.15 0.50
N ASN E 60 12.68 -19.09 1.23
CA ASN E 60 11.42 -19.02 1.95
C ASN E 60 10.53 -18.02 1.21
N PHE E 61 9.60 -18.54 0.41
CA PHE E 61 8.72 -17.75 -0.42
C PHE E 61 7.32 -17.66 0.22
N SER E 62 6.59 -16.62 -0.17
CA SER E 62 5.19 -16.52 0.19
C SER E 62 4.36 -17.50 -0.61
N ALA E 63 3.06 -17.57 -0.32
CA ALA E 63 2.19 -18.48 -1.03
C ALA E 63 2.06 -18.09 -2.51
N THR E 64 2.00 -16.79 -2.79
CA THR E 64 1.88 -16.35 -4.18
C THR E 64 3.15 -16.65 -4.95
N MET E 65 4.31 -16.32 -4.38
CA MET E 65 5.57 -16.63 -5.04
C MET E 65 5.77 -18.12 -5.19
N THR E 66 5.32 -18.89 -4.19
CA THR E 66 5.40 -20.35 -4.31
C THR E 66 4.49 -20.85 -5.43
N ILE E 67 3.31 -20.27 -5.56
CA ILE E 67 2.41 -20.64 -6.65
C ILE E 67 3.02 -20.29 -7.99
N ASP E 68 3.69 -19.14 -8.07
CA ASP E 68 4.35 -18.75 -9.32
C ASP E 68 5.43 -19.76 -9.69
N LEU E 69 6.25 -20.16 -8.72
CA LEU E 69 7.34 -21.09 -9.02
C LEU E 69 6.82 -22.50 -9.27
N MET E 70 5.73 -22.90 -8.62
CA MET E 70 5.14 -24.20 -8.90
C MET E 70 4.55 -24.25 -10.30
N ASN E 71 3.95 -23.15 -10.74
CA ASN E 71 3.42 -23.09 -12.10
C ASN E 71 4.53 -23.02 -13.12
N ASN E 72 5.59 -22.26 -12.83
CA ASN E 72 6.71 -22.16 -13.76
C ASN E 72 7.41 -23.51 -13.92
N ALA E 73 7.42 -24.34 -12.87
CA ALA E 73 8.02 -25.66 -13.00
C ALA E 73 7.21 -26.57 -13.91
N ILE E 74 5.89 -26.40 -13.91
CA ILE E 74 5.04 -27.19 -14.80
C ILE E 74 5.28 -26.79 -16.24
N ILE E 75 5.47 -25.50 -16.50
CA ILE E 75 5.62 -25.02 -17.87
C ILE E 75 6.99 -25.38 -18.42
N ASP E 76 8.03 -25.28 -17.58
CA ASP E 76 9.36 -25.67 -18.04
C ASP E 76 9.39 -27.13 -18.50
N ASN E 77 8.59 -27.98 -17.86
CA ASN E 77 8.48 -29.37 -18.29
C ASN E 77 7.74 -29.47 -19.62
N TYR E 78 6.73 -28.63 -19.82
CA TYR E 78 6.00 -28.64 -21.10
C TYR E 78 6.90 -28.16 -22.23
N LEU E 79 7.76 -27.18 -21.96
CA LEU E 79 8.67 -26.68 -22.99
C LEU E 79 9.74 -27.70 -23.34
N GLU E 80 10.01 -28.66 -22.44
CA GLU E 80 11.07 -29.63 -22.65
C GLU E 80 10.59 -30.88 -23.37
N ILE E 81 9.38 -31.36 -23.05
CA ILE E 81 8.91 -32.64 -23.56
C ILE E 81 7.63 -32.47 -24.36
N GLY E 82 6.59 -31.90 -23.73
CA GLY E 82 5.28 -31.91 -24.34
C GLY E 82 5.20 -31.06 -25.59
N ARG E 83 5.83 -29.89 -25.57
CA ARG E 83 5.69 -28.97 -26.69
C ARG E 83 6.19 -29.58 -27.99
N GLN E 84 7.24 -30.40 -27.92
CA GLN E 84 7.80 -31.03 -29.10
C GLN E 84 7.12 -32.35 -29.45
N ASN E 85 6.06 -32.73 -28.71
CA ASN E 85 5.35 -33.98 -28.96
C ASN E 85 3.87 -33.76 -29.26
N GLY E 86 3.50 -32.56 -29.69
CA GLY E 86 2.16 -32.29 -30.15
C GLY E 86 1.20 -31.81 -29.10
N VAL E 87 1.62 -31.72 -27.84
CA VAL E 87 0.73 -31.27 -26.77
C VAL E 87 0.51 -29.78 -26.90
N LEU E 88 -0.74 -29.35 -26.79
CA LEU E 88 -1.09 -27.96 -26.90
C LEU E 88 -0.96 -27.26 -25.55
N GLU E 89 -0.94 -25.92 -25.60
CA GLU E 89 -1.01 -25.12 -24.38
C GLU E 89 -2.38 -25.20 -23.72
N SER E 90 -3.38 -25.73 -24.42
CA SER E 90 -4.69 -26.04 -23.85
C SER E 90 -4.74 -27.44 -23.25
N ASP E 91 -3.59 -28.11 -23.13
CA ASP E 91 -3.53 -29.45 -22.54
C ASP E 91 -2.51 -29.53 -21.41
N ILE E 92 -2.11 -28.39 -20.84
CA ILE E 92 -1.09 -28.38 -19.79
C ILE E 92 -1.49 -29.35 -18.68
N GLY E 93 -2.63 -29.09 -18.04
CA GLY E 93 -3.26 -30.07 -17.18
C GLY E 93 -3.01 -29.90 -15.70
N VAL E 94 -2.04 -29.08 -15.30
CA VAL E 94 -1.80 -28.80 -13.88
C VAL E 94 -1.55 -27.30 -13.74
N LYS E 95 -2.37 -26.64 -12.94
CA LYS E 95 -2.20 -25.21 -12.68
C LYS E 95 -2.58 -24.92 -11.24
N PHE E 96 -1.84 -24.02 -10.61
CA PHE E 96 -2.09 -23.60 -9.24
C PHE E 96 -2.61 -22.16 -9.27
N ASP E 97 -3.80 -21.96 -8.73
CA ASP E 97 -4.52 -20.69 -8.83
C ASP E 97 -4.95 -20.26 -7.44
N THR E 98 -5.63 -19.12 -7.38
CA THR E 98 -6.20 -18.61 -6.14
C THR E 98 -7.65 -18.17 -6.28
N ARG E 99 -8.21 -18.26 -7.48
CA ARG E 99 -9.55 -17.76 -7.73
C ARG E 99 -10.60 -18.78 -7.36
N ASN E 100 -11.80 -18.28 -7.08
CA ASN E 100 -13.00 -19.11 -6.90
C ASN E 100 -13.74 -19.06 -8.23
N PHE E 101 -13.41 -20.00 -9.12
CA PHE E 101 -14.14 -20.12 -10.37
C PHE E 101 -15.63 -20.26 -10.07
N ARG E 102 -16.45 -20.08 -11.10
CA ARG E 102 -17.91 -20.17 -11.03
C ARG E 102 -18.52 -19.15 -10.07
N LEU E 103 -17.82 -18.07 -9.76
CA LEU E 103 -18.41 -17.01 -8.94
C LEU E 103 -19.54 -16.33 -9.69
N GLY E 104 -19.30 -15.92 -10.93
CA GLY E 104 -20.31 -15.24 -11.72
C GLY E 104 -21.23 -16.18 -12.48
N TRP E 105 -21.42 -17.38 -11.93
CA TRP E 105 -22.22 -18.40 -12.60
C TRP E 105 -23.72 -18.12 -12.43
N ASP E 106 -24.47 -18.34 -13.51
CA ASP E 106 -25.91 -18.12 -13.52
C ASP E 106 -26.63 -19.45 -13.56
N PRO E 107 -27.57 -19.71 -12.64
CA PRO E 107 -28.20 -21.04 -12.61
C PRO E 107 -29.08 -21.35 -13.81
N GLU E 108 -29.46 -20.35 -14.60
CA GLU E 108 -30.33 -20.59 -15.74
C GLU E 108 -29.53 -20.80 -17.03
N THR E 109 -28.61 -19.88 -17.33
CA THR E 109 -27.74 -20.05 -18.49
C THR E 109 -26.60 -21.03 -18.21
N LYS E 110 -26.25 -21.23 -16.95
CA LYS E 110 -25.18 -22.16 -16.56
C LYS E 110 -23.83 -21.76 -17.13
N LEU E 111 -23.60 -20.47 -17.30
CA LEU E 111 -22.33 -19.94 -17.80
C LEU E 111 -21.89 -18.78 -16.94
N ILE E 112 -20.60 -18.44 -17.04
CA ILE E 112 -20.03 -17.32 -16.32
C ILE E 112 -20.36 -16.06 -17.12
N MET E 113 -21.33 -15.30 -16.65
CA MET E 113 -21.92 -14.24 -17.46
C MET E 113 -20.97 -13.08 -17.72
N PRO E 114 -20.12 -12.69 -16.76
CA PRO E 114 -19.15 -11.62 -17.05
C PRO E 114 -18.22 -11.93 -18.20
N GLY E 115 -18.12 -13.20 -18.62
CA GLY E 115 -17.17 -13.59 -19.64
C GLY E 115 -15.77 -13.85 -19.14
N VAL E 116 -15.46 -13.48 -17.91
CA VAL E 116 -14.16 -13.71 -17.30
C VAL E 116 -14.38 -14.15 -15.86
N TYR E 117 -13.51 -15.03 -15.38
CA TYR E 117 -13.58 -15.44 -13.98
C TYR E 117 -13.21 -14.27 -13.08
N THR E 118 -13.83 -14.22 -11.91
CA THR E 118 -13.59 -13.13 -10.97
C THR E 118 -12.13 -13.13 -10.53
N TYR E 119 -11.44 -12.01 -10.75
CA TYR E 119 -10.01 -11.90 -10.50
C TYR E 119 -9.75 -11.43 -9.07
N GLU E 120 -10.17 -12.27 -8.12
CA GLU E 120 -9.97 -12.04 -6.70
C GLU E 120 -9.39 -13.29 -6.08
N ALA E 121 -8.44 -13.12 -5.16
CA ALA E 121 -7.78 -14.25 -4.51
C ALA E 121 -8.59 -14.67 -3.30
N PHE E 122 -8.97 -15.95 -3.26
CA PHE E 122 -9.69 -16.54 -2.14
C PHE E 122 -8.85 -17.55 -1.37
N HIS E 123 -8.25 -18.50 -2.06
CA HIS E 123 -7.44 -19.55 -1.45
C HIS E 123 -6.65 -20.25 -2.54
N PRO E 124 -5.38 -20.61 -2.29
CA PRO E 124 -4.64 -21.38 -3.30
C PRO E 124 -5.39 -22.63 -3.73
N ASP E 125 -5.35 -22.90 -5.03
CA ASP E 125 -6.20 -23.92 -5.65
C ASP E 125 -5.36 -24.75 -6.62
N ILE E 126 -5.84 -25.96 -6.89
CA ILE E 126 -5.22 -26.87 -7.85
C ILE E 126 -6.24 -27.13 -8.94
N VAL E 127 -5.92 -26.73 -10.17
CA VAL E 127 -6.76 -26.97 -11.34
C VAL E 127 -6.12 -28.08 -12.16
N LEU E 128 -6.96 -29.02 -12.62
CA LEU E 128 -6.48 -30.20 -13.31
C LEU E 128 -7.28 -30.48 -14.56
N LEU E 129 -6.63 -31.12 -15.53
CA LEU E 129 -7.26 -31.66 -16.73
C LEU E 129 -7.28 -33.18 -16.67
N PRO E 130 -8.11 -33.83 -17.48
CA PRO E 130 -8.20 -35.29 -17.41
C PRO E 130 -6.84 -35.95 -17.59
N GLY E 131 -6.58 -36.96 -16.77
CA GLY E 131 -5.34 -37.69 -16.81
C GLY E 131 -4.21 -37.11 -16.00
N CYS E 132 -4.44 -35.99 -15.30
CA CYS E 132 -3.41 -35.30 -14.56
C CYS E 132 -3.65 -35.41 -13.07
N GLY E 133 -2.73 -34.84 -12.30
CA GLY E 133 -2.82 -34.87 -10.85
C GLY E 133 -1.53 -34.40 -10.24
N VAL E 134 -1.58 -34.17 -8.94
CA VAL E 134 -0.43 -33.77 -8.14
C VAL E 134 -0.26 -34.75 -6.99
N ASP E 135 0.98 -34.83 -6.49
CA ASP E 135 1.30 -35.72 -5.39
C ASP E 135 2.18 -34.97 -4.40
N PHE E 136 1.73 -34.89 -3.14
CA PHE E 136 2.45 -34.18 -2.10
C PHE E 136 2.95 -35.12 -1.01
N THR E 137 3.22 -36.38 -1.36
CA THR E 137 3.63 -37.35 -0.35
C THR E 137 4.96 -36.96 0.29
N GLU E 138 5.89 -36.47 -0.52
CA GLU E 138 7.19 -36.04 0.00
C GLU E 138 7.39 -34.54 -0.22
N SER E 139 6.47 -33.73 0.29
CA SER E 139 6.54 -32.30 0.05
C SER E 139 5.81 -31.54 1.15
N ARG E 140 6.33 -30.36 1.47
CA ARG E 140 5.73 -29.47 2.47
C ARG E 140 5.08 -28.25 1.82
N LEU E 141 5.02 -28.20 0.49
CA LEU E 141 4.43 -27.05 -0.18
C LEU E 141 2.91 -27.03 -0.02
N SER E 142 2.29 -28.20 0.15
CA SER E 142 0.85 -28.24 0.38
C SER E 142 0.49 -27.55 1.69
N ASN E 143 1.35 -27.67 2.71
CA ASN E 143 1.12 -26.96 3.96
C ASN E 143 1.21 -25.46 3.78
N LEU E 144 2.10 -25.00 2.90
CA LEU E 144 2.17 -23.57 2.59
C LEU E 144 0.99 -23.13 1.73
N LEU E 145 0.39 -24.05 0.98
CA LEU E 145 -0.78 -23.76 0.17
C LEU E 145 -2.08 -23.97 0.93
N GLY E 146 -2.02 -24.28 2.22
CA GLY E 146 -3.24 -24.45 3.00
C GLY E 146 -4.12 -25.59 2.55
N ILE E 147 -3.53 -26.65 1.99
CA ILE E 147 -4.26 -27.84 1.57
C ILE E 147 -3.62 -29.01 2.29
N ARG E 148 -4.34 -29.59 3.25
CA ARG E 148 -3.82 -30.65 4.10
C ARG E 148 -4.74 -31.87 4.04
N LYS E 149 -4.23 -33.00 4.52
CA LYS E 149 -5.03 -34.19 4.69
C LYS E 149 -5.81 -34.10 6.00
N ARG E 150 -7.08 -34.50 5.96
CA ARG E 150 -7.91 -34.40 7.16
C ARG E 150 -7.58 -35.52 8.15
N HIS E 151 -7.57 -36.77 7.67
CA HIS E 151 -7.22 -37.94 8.49
C HIS E 151 -5.91 -38.51 7.97
N PRO E 152 -4.75 -38.07 8.48
CA PRO E 152 -3.46 -38.61 8.04
C PRO E 152 -3.31 -40.10 8.33
N GLU E 155 -0.33 -41.38 5.19
CA GLU E 155 0.60 -42.09 4.31
C GLU E 155 0.18 -41.94 2.85
N GLY E 156 0.72 -40.90 2.19
CA GLY E 156 0.42 -40.62 0.80
C GLY E 156 -0.59 -39.49 0.63
N PHE E 157 -0.35 -38.58 -0.32
CA PHE E 157 -1.24 -37.42 -0.52
C PHE E 157 -1.29 -37.01 -1.99
N LYS E 158 -1.82 -37.89 -2.86
CA LYS E 158 -1.95 -37.60 -4.29
C LYS E 158 -3.40 -37.21 -4.60
N ILE E 159 -3.56 -36.04 -5.24
CA ILE E 159 -4.88 -35.51 -5.61
C ILE E 159 -4.98 -35.54 -7.14
N MET E 160 -5.85 -36.41 -7.67
CA MET E 160 -5.95 -36.63 -9.10
C MET E 160 -7.23 -36.01 -9.67
N TYR E 161 -7.31 -36.00 -11.00
CA TYR E 161 -8.46 -35.42 -11.67
C TYR E 161 -9.76 -36.14 -11.31
N GLU E 162 -9.69 -37.46 -11.14
CA GLU E 162 -10.89 -38.22 -10.80
C GLU E 162 -11.38 -37.92 -9.40
N ASP E 163 -10.54 -37.33 -8.55
CA ASP E 163 -10.93 -37.04 -7.17
C ASP E 163 -11.64 -35.71 -7.01
N LEU E 164 -11.72 -34.90 -8.06
CA LEU E 164 -12.34 -33.57 -8.00
C LEU E 164 -13.71 -33.57 -8.64
N GLU E 165 -14.49 -34.62 -8.44
CA GLU E 165 -15.83 -34.67 -8.99
C GLU E 165 -16.67 -33.51 -8.48
N GLY E 166 -17.44 -32.90 -9.38
CA GLY E 166 -18.23 -31.74 -9.04
C GLY E 166 -17.46 -30.44 -9.02
N GLY E 167 -16.16 -30.46 -9.34
CA GLY E 167 -15.37 -29.25 -9.35
C GLY E 167 -15.04 -28.75 -10.74
N ASN E 168 -15.78 -29.22 -11.75
CA ASN E 168 -15.55 -28.75 -13.11
C ASN E 168 -15.76 -27.24 -13.19
N ILE E 169 -14.85 -26.57 -13.87
CA ILE E 169 -14.95 -25.11 -14.02
C ILE E 169 -15.99 -24.81 -15.10
N PRO E 170 -16.97 -23.96 -14.83
CA PRO E 170 -17.94 -23.61 -15.87
C PRO E 170 -17.30 -22.84 -17.01
N ALA E 171 -17.95 -22.91 -18.17
CA ALA E 171 -17.50 -22.17 -19.35
C ALA E 171 -17.89 -20.70 -19.23
N LEU E 172 -17.15 -19.85 -19.92
CA LEU E 172 -17.40 -18.42 -19.90
C LEU E 172 -18.38 -18.03 -21.00
N LEU E 173 -19.15 -16.98 -20.74
CA LEU E 173 -20.11 -16.50 -21.73
C LEU E 173 -19.39 -15.78 -22.86
N ASP E 174 -19.80 -16.07 -24.09
CA ASP E 174 -19.34 -15.31 -25.24
C ASP E 174 -19.97 -13.92 -25.20
N VAL E 175 -19.25 -12.94 -24.65
CA VAL E 175 -19.83 -11.62 -24.46
C VAL E 175 -19.81 -10.82 -25.76
N THR E 176 -18.86 -11.10 -26.65
CA THR E 176 -18.87 -10.45 -27.95
C THR E 176 -20.06 -10.88 -28.81
N ALA E 177 -20.79 -11.90 -28.38
CA ALA E 177 -21.96 -12.42 -29.11
C ALA E 177 -23.14 -12.56 -28.16
N TYR E 178 -23.48 -11.47 -27.47
CA TYR E 178 -24.60 -11.48 -26.52
C TYR E 178 -25.48 -10.25 -26.73
N LYS E 196 -27.28 -13.80 -28.46
CA LYS E 196 -27.03 -15.23 -28.33
C LYS E 196 -26.53 -15.57 -26.93
N ILE E 197 -26.68 -16.84 -26.54
CA ILE E 197 -26.23 -17.31 -25.24
C ILE E 197 -25.43 -18.59 -25.42
N GLN E 198 -24.16 -18.47 -25.80
CA GLN E 198 -23.26 -19.58 -26.07
C GLN E 198 -21.99 -19.40 -25.27
N PRO E 199 -21.26 -20.49 -25.03
CA PRO E 199 -19.97 -20.36 -24.33
C PRO E 199 -18.85 -19.95 -25.26
N LEU E 200 -17.84 -19.28 -24.68
CA LEU E 200 -16.62 -18.96 -25.40
C LEU E 200 -15.74 -20.20 -25.44
N GLU E 201 -15.34 -20.62 -26.65
CA GLU E 201 -14.61 -21.86 -26.83
C GLU E 201 -13.14 -21.67 -27.15
N LYS E 202 -12.68 -20.43 -27.37
CA LYS E 202 -11.28 -20.12 -27.62
C LYS E 202 -10.96 -18.81 -26.95
N ASP E 203 -9.66 -18.66 -26.57
CA ASP E 203 -9.22 -17.39 -26.00
C ASP E 203 -8.89 -16.48 -27.22
N SER E 204 -8.35 -15.30 -26.96
CA SER E 204 -8.09 -14.34 -28.04
C SER E 204 -6.97 -14.81 -28.97
N LYS E 205 -6.00 -15.57 -28.46
CA LYS E 205 -4.97 -16.19 -29.27
C LYS E 205 -5.38 -17.55 -29.80
N SER E 206 -6.67 -17.87 -29.77
CA SER E 206 -7.19 -19.13 -30.30
C SER E 206 -6.63 -20.33 -29.54
N ARG E 207 -6.73 -20.27 -28.22
CA ARG E 207 -6.41 -21.39 -27.34
C ARG E 207 -7.70 -22.02 -26.85
N SER E 208 -7.83 -23.33 -27.02
CA SER E 208 -9.06 -24.01 -26.64
C SER E 208 -9.28 -23.89 -25.13
N TYR E 209 -10.44 -23.37 -24.75
CA TYR E 209 -10.87 -23.37 -23.35
C TYR E 209 -11.39 -24.74 -22.91
N ASN E 210 -11.38 -25.74 -23.80
CA ASN E 210 -11.73 -27.12 -23.45
C ASN E 210 -13.17 -27.24 -22.98
N VAL E 211 -14.09 -26.63 -23.73
CA VAL E 211 -15.50 -26.77 -23.43
C VAL E 211 -15.94 -28.18 -23.80
N LEU E 212 -16.92 -28.69 -23.06
CA LEU E 212 -17.39 -30.05 -23.22
C LEU E 212 -18.73 -30.07 -23.96
N GLU E 213 -19.30 -31.26 -24.10
CA GLU E 213 -20.66 -31.38 -24.59
C GLU E 213 -21.63 -30.74 -23.58
N ASP E 214 -22.81 -30.35 -24.09
CA ASP E 214 -23.78 -29.58 -23.31
C ASP E 214 -23.37 -28.11 -23.27
N LYS E 215 -22.09 -27.85 -23.55
CA LYS E 215 -21.58 -26.49 -23.77
C LYS E 215 -21.93 -25.56 -22.62
N ILE E 216 -21.65 -26.01 -21.40
CA ILE E 216 -21.82 -25.17 -20.22
C ILE E 216 -20.59 -25.26 -19.33
N ASN E 217 -19.98 -26.45 -19.28
CA ASN E 217 -18.86 -26.70 -18.39
C ASN E 217 -17.58 -26.92 -19.20
N THR E 218 -16.48 -27.00 -18.46
CA THR E 218 -15.15 -27.14 -19.03
C THR E 218 -14.47 -28.38 -18.46
N ALA E 219 -13.53 -28.93 -19.22
CA ALA E 219 -12.82 -30.12 -18.75
C ALA E 219 -11.98 -29.83 -17.51
N TYR E 220 -11.64 -28.58 -17.24
CA TYR E 220 -10.84 -28.24 -16.08
C TYR E 220 -11.63 -28.49 -14.79
N ARG E 221 -11.01 -29.18 -13.83
CA ARG E 221 -11.56 -29.37 -12.50
C ARG E 221 -10.65 -28.70 -11.49
N SER E 222 -11.24 -28.16 -10.43
CA SER E 222 -10.48 -27.45 -9.42
C SER E 222 -10.75 -28.03 -8.04
N TRP E 223 -9.70 -28.07 -7.21
CA TRP E 223 -9.86 -28.59 -5.85
C TRP E 223 -10.79 -27.71 -5.03
N TYR E 224 -10.74 -26.40 -5.24
CA TYR E 224 -11.55 -25.49 -4.42
C TYR E 224 -13.03 -25.69 -4.70
N LEU E 225 -13.40 -25.94 -5.96
CA LEU E 225 -14.82 -26.13 -6.29
C LEU E 225 -15.33 -27.45 -5.76
N SER E 226 -14.58 -28.53 -5.97
CA SER E 226 -15.00 -29.83 -5.46
C SER E 226 -15.03 -29.86 -3.95
N TYR E 227 -14.21 -29.04 -3.29
CA TYR E 227 -14.22 -28.99 -1.84
C TYR E 227 -15.49 -28.31 -1.32
N ASN E 228 -15.89 -27.20 -1.95
CA ASN E 228 -17.00 -26.40 -1.46
C ASN E 228 -18.32 -26.66 -2.17
N TYR E 229 -18.30 -27.00 -3.46
CA TYR E 229 -19.51 -27.22 -4.22
C TYR E 229 -19.75 -28.67 -4.59
N GLY E 230 -18.83 -29.57 -4.24
CA GLY E 230 -18.98 -30.99 -4.55
C GLY E 230 -19.73 -31.72 -3.46
N ASN E 231 -19.73 -33.04 -3.58
CA ASN E 231 -20.39 -33.89 -2.60
C ASN E 231 -19.67 -33.78 -1.27
N PRO E 232 -20.35 -33.36 -0.19
CA PRO E 232 -19.62 -33.17 1.08
C PRO E 232 -19.06 -34.45 1.66
N GLU E 233 -19.69 -35.60 1.41
CA GLU E 233 -19.28 -36.85 2.04
C GLU E 233 -18.68 -37.85 1.06
N LYS E 234 -18.43 -37.45 -0.19
CA LYS E 234 -17.81 -38.34 -1.17
C LYS E 234 -16.75 -37.66 -2.02
N GLY E 235 -16.68 -36.33 -2.05
CA GLY E 235 -15.72 -35.62 -2.85
C GLY E 235 -14.40 -35.41 -2.14
N ILE E 236 -13.62 -34.45 -2.65
CA ILE E 236 -12.29 -34.22 -2.12
C ILE E 236 -12.35 -33.69 -0.69
N ARG E 237 -13.48 -33.14 -0.27
CA ARG E 237 -13.58 -32.60 1.08
C ARG E 237 -13.53 -33.67 2.15
N SER E 238 -13.82 -34.92 1.80
CA SER E 238 -13.90 -35.97 2.81
C SER E 238 -12.52 -36.34 3.34
N TRP E 239 -11.46 -36.15 2.55
CA TRP E 239 -10.12 -36.55 2.98
C TRP E 239 -9.05 -35.49 2.73
N THR E 240 -9.43 -34.27 2.37
CA THR E 240 -8.51 -33.14 2.35
C THR E 240 -9.09 -32.02 3.21
N LEU E 241 -8.23 -31.11 3.64
CA LEU E 241 -8.62 -30.04 4.55
C LEU E 241 -8.10 -28.71 4.05
N LEU E 242 -8.93 -27.67 4.20
CA LEU E 242 -8.59 -26.31 3.81
C LEU E 242 -8.14 -25.55 5.05
N THR E 243 -6.91 -25.09 5.06
CA THR E 243 -6.36 -24.34 6.20
C THR E 243 -5.84 -22.99 5.70
N THR E 244 -5.19 -22.26 6.61
CA THR E 244 -4.69 -20.93 6.31
C THR E 244 -3.20 -20.99 6.04
N SER E 245 -2.80 -20.55 4.84
CA SER E 245 -1.39 -20.36 4.48
C SER E 245 -1.29 -19.97 3.00
N HIS E 283 6.69 -11.11 -19.04
CA HIS E 283 6.31 -11.72 -17.78
C HIS E 283 6.44 -13.24 -17.83
N VAL E 284 7.45 -13.78 -17.14
CA VAL E 284 7.66 -15.21 -17.13
C VAL E 284 6.58 -15.91 -16.30
N PHE E 285 6.03 -15.20 -15.32
CA PHE E 285 4.97 -15.72 -14.47
C PHE E 285 3.58 -15.45 -15.02
N ASN E 286 3.48 -15.03 -16.29
CA ASN E 286 2.20 -14.83 -16.95
C ASN E 286 2.43 -15.02 -18.45
N ARG E 287 2.67 -16.28 -18.85
CA ARG E 287 2.96 -16.60 -20.24
C ARG E 287 1.71 -16.64 -21.10
N PHE E 288 0.52 -16.65 -20.52
CA PHE E 288 -0.75 -16.72 -21.26
C PHE E 288 -1.67 -15.62 -20.78
N PRO E 289 -1.31 -14.36 -21.03
CA PRO E 289 -2.17 -13.25 -20.57
C PRO E 289 -3.56 -13.30 -21.19
N GLU E 290 -3.68 -13.91 -22.38
CA GLU E 290 -4.97 -13.94 -23.07
C GLU E 290 -5.90 -14.99 -22.49
N ASN E 291 -5.35 -16.08 -21.97
CA ASN E 291 -6.16 -17.23 -21.56
C ASN E 291 -6.65 -17.04 -20.13
N GLN E 292 -7.97 -17.15 -19.94
CA GLN E 292 -8.55 -16.94 -18.62
C GLN E 292 -8.24 -18.08 -17.67
N ILE E 293 -7.96 -19.28 -18.17
CA ILE E 293 -7.69 -20.41 -17.30
C ILE E 293 -6.24 -20.38 -16.83
N LEU E 294 -5.31 -20.06 -17.72
CA LEU E 294 -3.89 -20.08 -17.41
C LEU E 294 -3.35 -18.70 -17.03
N ILE E 295 -4.22 -17.70 -16.88
CA ILE E 295 -3.78 -16.38 -16.46
C ILE E 295 -3.09 -16.47 -15.10
N ARG E 296 -2.16 -15.55 -14.85
CA ARG E 296 -1.46 -15.52 -13.59
C ARG E 296 -2.45 -15.33 -12.44
N PRO E 297 -2.39 -16.13 -11.38
CA PRO E 297 -3.38 -16.01 -10.32
C PRO E 297 -3.30 -14.65 -9.66
N PRO E 298 -4.41 -14.14 -9.15
CA PRO E 298 -4.37 -12.86 -8.41
C PRO E 298 -3.70 -13.03 -7.06
N ALA E 299 -3.18 -11.91 -6.56
CA ALA E 299 -2.49 -11.92 -5.28
C ALA E 299 -3.42 -11.47 -4.16
N PRO E 300 -3.37 -12.13 -2.99
CA PRO E 300 -4.20 -11.69 -1.87
C PRO E 300 -3.84 -10.28 -1.39
#